data_3KC2
#
_entry.id   3KC2
#
_cell.length_a   143.734
_cell.length_b   67.095
_cell.length_c   76.899
_cell.angle_alpha   90.00
_cell.angle_beta   110.45
_cell.angle_gamma   90.00
#
_symmetry.space_group_name_H-M   'C 1 2 1'
#
loop_
_entity.id
_entity.type
_entity.pdbx_description
1 polymer 'Uncharacterized protein YKR070W'
2 non-polymer 'PHOSPHATE ION'
3 non-polymer 'MAGNESIUM ION'
4 water water
#
_entity_poly.entity_id   1
_entity_poly.type   'polypeptide(L)'
_entity_poly.pdbx_seq_one_letter_code
;(MSE)IGKRFFQTTSKKIAFAFDIDGVLFRGKKPIAGASDALKLLNRNKIPYILLTNGGGFSERARTEFISSKLDVDVSP
LQIIQSHTPYKSLVNKYSRILAVGTPSVRGVAEGYGFQDVVHQTDIVRYNRDIAPFSGLSDEQV(MSE)EYSRDIPDLTT
KKFDAVLVFNDPHDWAADIQIISDAINSENG(MSE)LNTLRNEKSGKPSIPIYFSNQDLLWANPYKLNRFGQGAFRLLVR
RLYLELNGEPLQDYTLGKPTKLTYDFAHHVLIDWEKRLSGKIGQSVKQKLPLLGTKPSTSPFHAVF(MSE)VGDNPASDI
IGAQNYGWNSCLVKTGVYNEGDDLKECKPTLIVNDVFDAVTKTLEKYA
;
_entity_poly.pdbx_strand_id   A,B
#
loop_
_chem_comp.id
_chem_comp.type
_chem_comp.name
_chem_comp.formula
MG non-polymer 'MAGNESIUM ION' 'Mg 2'
PO4 non-polymer 'PHOSPHATE ION' 'O4 P -3'
#
# COMPACT_ATOMS: atom_id res chain seq x y z
N LYS A 12 -4.45 39.12 24.71
CA LYS A 12 -4.06 37.69 24.83
C LYS A 12 -5.07 36.85 25.63
N LYS A 13 -6.36 37.13 25.45
CA LYS A 13 -7.36 36.28 26.07
C LYS A 13 -7.36 34.93 25.36
N ILE A 14 -7.25 34.95 24.04
CA ILE A 14 -7.52 33.69 23.32
C ILE A 14 -6.82 33.64 21.96
N ALA A 15 -6.42 32.42 21.56
CA ALA A 15 -5.91 32.15 20.20
C ALA A 15 -6.57 30.86 19.74
N PHE A 16 -6.64 30.70 18.42
CA PHE A 16 -7.17 29.50 17.77
C PHE A 16 -6.09 28.79 16.97
N ALA A 17 -6.19 27.47 16.97
CA ALA A 17 -5.36 26.63 16.11
C ALA A 17 -6.32 25.81 15.24
N PHE A 18 -6.35 26.09 13.93
CA PHE A 18 -7.29 25.41 13.04
C PHE A 18 -6.65 24.25 12.34
N ASP A 19 -7.30 23.10 12.41
CA ASP A 19 -7.07 22.04 11.46
C ASP A 19 -7.52 22.51 10.06
N ILE A 20 -6.99 21.90 8.99
CA ILE A 20 -7.39 22.25 7.62
C ILE A 20 -8.37 21.23 7.04
N ASP A 21 -7.93 19.99 6.83
CA ASP A 21 -8.83 19.00 6.18
C ASP A 21 -10.02 18.61 7.07
N GLY A 22 -11.22 18.87 6.58
CA GLY A 22 -12.45 18.61 7.31
C GLY A 22 -12.90 19.74 8.21
N VAL A 23 -12.16 20.83 8.21
CA VAL A 23 -12.46 22.01 9.01
C VAL A 23 -12.52 23.27 8.13
N LEU A 24 -11.44 23.61 7.44
CA LEU A 24 -11.41 24.74 6.52
C LEU A 24 -11.67 24.34 5.05
N PHE A 25 -11.26 23.12 4.68
CA PHE A 25 -11.31 22.64 3.29
C PHE A 25 -11.74 21.20 3.27
N ARG A 26 -12.37 20.81 2.15
CA ARG A 26 -12.40 19.41 1.74
C ARG A 26 -11.71 19.42 0.36
N GLY A 27 -10.50 18.86 0.29
CA GLY A 27 -9.69 18.96 -0.90
C GLY A 27 -9.27 20.38 -1.12
N LYS A 28 -9.50 20.86 -2.35
CA LYS A 28 -9.17 22.21 -2.74
C LYS A 28 -10.33 23.18 -2.47
N LYS A 29 -11.47 22.65 -2.02
CA LYS A 29 -12.68 23.46 -1.88
C LYS A 29 -12.88 23.91 -0.44
N PRO A 30 -12.97 25.23 -0.23
CA PRO A 30 -13.30 25.70 1.10
C PRO A 30 -14.61 25.15 1.62
N ILE A 31 -14.65 24.84 2.91
CA ILE A 31 -15.91 24.58 3.61
C ILE A 31 -16.67 25.88 3.84
N ALA A 32 -17.99 25.83 3.66
CA ALA A 32 -18.83 27.02 3.84
C ALA A 32 -18.59 27.54 5.26
N GLY A 33 -18.34 28.86 5.35
CA GLY A 33 -18.08 29.51 6.62
C GLY A 33 -16.61 29.58 7.00
N ALA A 34 -15.73 28.84 6.32
CA ALA A 34 -14.33 28.85 6.69
C ALA A 34 -13.71 30.22 6.51
N SER A 35 -13.96 30.84 5.36
CA SER A 35 -13.42 32.17 5.07
C SER A 35 -13.98 33.15 6.08
N ASP A 36 -15.29 33.07 6.34
CA ASP A 36 -15.95 33.95 7.30
C ASP A 36 -15.40 33.81 8.72
N ALA A 37 -15.08 32.59 9.13
CA ALA A 37 -14.49 32.38 10.45
C ALA A 37 -13.14 33.08 10.63
N LEU A 38 -12.25 32.95 9.66
CA LEU A 38 -10.96 33.63 9.73
C LEU A 38 -11.12 35.15 9.64
N LYS A 39 -12.04 35.62 8.78
CA LYS A 39 -12.29 37.06 8.67
C LYS A 39 -12.82 37.60 9.99
N LEU A 40 -13.68 36.83 10.65
CA LEU A 40 -14.20 37.20 11.97
C LEU A 40 -13.06 37.34 12.97
N LEU A 41 -12.13 36.39 12.97
CA LEU A 41 -10.99 36.51 13.89
C LEU A 41 -10.16 37.74 13.59
N ASN A 42 -9.89 37.97 12.30
CA ASN A 42 -9.08 39.11 11.88
C ASN A 42 -9.73 40.46 12.20
N ARG A 43 -11.05 40.56 12.08
CA ARG A 43 -11.76 41.82 12.47
C ARG A 43 -11.59 42.07 13.95
N ASN A 44 -11.49 41.02 14.73
CA ASN A 44 -11.38 41.08 16.18
C ASN A 44 -9.95 41.04 16.70
N LYS A 45 -8.98 40.97 15.77
CA LYS A 45 -7.56 40.91 16.10
C LYS A 45 -7.24 39.73 17.01
N ILE A 46 -7.93 38.62 16.77
CA ILE A 46 -7.69 37.41 17.54
C ILE A 46 -6.75 36.52 16.74
N PRO A 47 -5.59 36.19 17.31
CA PRO A 47 -4.63 35.46 16.49
C PRO A 47 -4.97 34.01 16.27
N TYR A 48 -4.48 33.49 15.16
CA TYR A 48 -4.59 32.06 14.91
C TYR A 48 -3.41 31.49 14.15
N ILE A 49 -3.27 30.18 14.27
CA ILE A 49 -2.39 29.37 13.45
C ILE A 49 -3.19 28.25 12.80
N LEU A 50 -2.58 27.67 11.77
CA LEU A 50 -3.07 26.46 11.11
C LEU A 50 -2.17 25.30 11.47
N LEU A 51 -2.78 24.22 11.94
CA LEU A 51 -2.05 23.04 12.39
C LEU A 51 -2.67 21.85 11.70
N THR A 52 -1.95 21.36 10.67
CA THR A 52 -2.44 20.31 9.82
C THR A 52 -1.48 19.12 9.81
N ASN A 53 -2.03 17.92 9.72
CA ASN A 53 -1.25 16.73 9.43
C ASN A 53 -1.08 16.47 7.93
N GLY A 54 -1.60 17.36 7.11
CA GLY A 54 -1.36 17.38 5.68
C GLY A 54 -0.02 17.99 5.40
N GLY A 55 0.39 17.93 4.13
CA GLY A 55 1.68 18.41 3.72
C GLY A 55 1.94 18.03 2.27
N GLY A 56 3.10 18.36 1.80
CA GLY A 56 3.54 18.08 0.44
C GLY A 56 4.25 19.24 -0.21
N PHE A 57 3.73 20.44 0.01
CA PHE A 57 4.29 21.66 -0.56
C PHE A 57 4.92 22.48 0.55
N SER A 58 5.71 23.46 0.16
CA SER A 58 6.33 24.32 1.13
C SER A 58 5.28 25.05 1.93
N GLU A 59 5.69 25.54 3.09
CA GLU A 59 4.78 26.34 3.93
C GLU A 59 4.34 27.58 3.16
N ARG A 60 5.26 28.15 2.39
CA ARG A 60 4.89 29.30 1.55
C ARG A 60 3.86 28.94 0.46
N ALA A 61 4.12 27.89 -0.30
CA ALA A 61 3.19 27.54 -1.38
C ALA A 61 1.81 27.19 -0.79
N ARG A 62 1.80 26.47 0.33
CA ARG A 62 0.54 26.05 0.92
C ARG A 62 -0.29 27.23 1.41
N THR A 63 0.35 28.16 2.12
CA THR A 63 -0.35 29.36 2.57
C THR A 63 -0.75 30.30 1.41
N GLU A 64 0.02 30.33 0.32
CA GLU A 64 -0.40 31.09 -0.88
C GLU A 64 -1.71 30.55 -1.41
N PHE A 65 -1.82 29.23 -1.51
CA PHE A 65 -3.02 28.62 -2.00
C PHE A 65 -4.20 28.89 -1.05
N ILE A 66 -4.00 28.68 0.24
CA ILE A 66 -5.07 28.86 1.21
C ILE A 66 -5.54 30.35 1.22
N SER A 67 -4.58 31.28 1.17
CA SER A 67 -4.86 32.70 1.10
C SER A 67 -5.77 33.05 -0.07
N SER A 68 -5.43 32.51 -1.24
CA SER A 68 -6.19 32.78 -2.44
C SER A 68 -7.59 32.24 -2.33
N LYS A 69 -7.72 31.03 -1.83
CA LYS A 69 -9.03 30.37 -1.77
C LYS A 69 -9.96 30.89 -0.68
N LEU A 70 -9.43 31.33 0.46
CA LEU A 70 -10.22 31.89 1.56
C LEU A 70 -10.30 33.42 1.57
N ASP A 71 -9.60 34.07 0.64
CA ASP A 71 -9.57 35.54 0.56
C ASP A 71 -9.16 36.17 1.89
N VAL A 72 -8.17 35.56 2.52
CA VAL A 72 -7.50 36.13 3.70
C VAL A 72 -6.00 36.02 3.52
N ASP A 73 -5.26 36.85 4.23
CA ASP A 73 -3.83 36.80 4.16
C ASP A 73 -3.26 35.86 5.24
N VAL A 74 -2.88 34.64 4.84
CA VAL A 74 -2.27 33.68 5.75
C VAL A 74 -0.78 33.72 5.51
N SER A 75 -0.03 34.05 6.56
CA SER A 75 1.40 34.12 6.49
C SER A 75 2.03 32.73 6.47
N PRO A 76 3.13 32.55 5.75
CA PRO A 76 3.86 31.29 5.89
C PRO A 76 4.35 31.03 7.32
N LEU A 77 4.33 32.04 8.18
CA LEU A 77 4.73 31.91 9.59
C LEU A 77 3.57 31.47 10.49
N GLN A 78 2.39 31.23 9.92
CA GLN A 78 1.20 30.83 10.66
C GLN A 78 0.84 29.37 10.50
N ILE A 79 1.67 28.56 9.86
CA ILE A 79 1.26 27.19 9.51
C ILE A 79 2.25 26.16 10.02
N ILE A 80 1.73 25.06 10.55
CA ILE A 80 2.50 23.85 10.83
C ILE A 80 1.88 22.72 10.06
N GLN A 81 2.66 22.12 9.16
CA GLN A 81 2.25 20.96 8.42
C GLN A 81 2.93 19.73 9.04
N SER A 82 2.58 18.56 8.54
CA SER A 82 3.12 17.30 9.10
C SER A 82 4.62 17.34 9.15
N HIS A 83 5.22 17.77 8.05
CA HIS A 83 6.71 17.77 7.91
C HIS A 83 7.46 18.98 8.37
N THR A 84 6.75 20.02 8.82
CA THR A 84 7.42 21.23 9.20
C THR A 84 8.47 20.95 10.31
N PRO A 85 8.16 20.09 11.30
CA PRO A 85 9.21 19.84 12.32
C PRO A 85 10.43 19.05 11.83
N TYR A 86 10.39 18.51 10.62
CA TYR A 86 11.60 17.89 10.06
C TYR A 86 12.75 18.89 9.86
N LYS A 87 12.45 20.18 9.93
CA LYS A 87 13.54 21.17 9.95
C LYS A 87 14.58 20.90 11.06
N SER A 88 14.15 20.29 12.15
CA SER A 88 15.04 19.99 13.28
C SER A 88 16.04 18.86 13.01
N LEU A 89 15.83 18.13 11.90
CA LEU A 89 16.63 16.95 11.59
C LEU A 89 17.70 17.18 10.54
N VAL A 90 17.81 18.39 10.03
CA VAL A 90 18.67 18.66 8.87
C VAL A 90 20.17 18.46 9.14
N ASN A 91 20.60 18.66 10.38
CA ASN A 91 22.00 18.47 10.72
C ASN A 91 22.28 17.08 11.31
N LYS A 92 21.25 16.26 11.35
CA LYS A 92 21.29 14.93 11.95
C LYS A 92 21.60 13.87 10.89
N TYR A 93 21.01 14.03 9.71
CA TYR A 93 21.02 13.01 8.65
C TYR A 93 21.45 13.61 7.31
N SER A 94 22.56 13.13 6.76
CA SER A 94 23.10 13.66 5.53
C SER A 94 22.25 13.27 4.34
N ARG A 95 22.11 11.96 4.14
CA ARG A 95 21.27 11.46 3.07
C ARG A 95 19.98 10.97 3.65
N ILE A 96 18.86 11.48 3.12
CA ILE A 96 17.55 10.98 3.51
C ILE A 96 16.80 10.44 2.30
N LEU A 97 16.03 9.38 2.56
CA LEU A 97 14.99 8.96 1.63
C LEU A 97 13.78 9.80 2.05
N ALA A 98 13.43 10.78 1.22
CA ALA A 98 12.29 11.69 1.45
C ALA A 98 11.09 11.14 0.72
N VAL A 99 10.20 10.50 1.48
CA VAL A 99 9.05 9.80 0.90
C VAL A 99 7.84 10.71 0.90
N GLY A 100 7.16 10.75 -0.23
CA GLY A 100 5.93 11.51 -0.36
C GLY A 100 5.71 11.82 -1.82
N THR A 101 4.80 12.74 -2.10
CA THR A 101 4.58 13.18 -3.49
C THR A 101 5.84 13.85 -3.99
N PRO A 102 6.01 13.91 -5.32
CA PRO A 102 7.27 14.42 -5.85
C PRO A 102 7.67 15.81 -5.34
N SER A 103 6.71 16.65 -4.98
CA SER A 103 6.97 17.97 -4.46
C SER A 103 7.75 17.95 -3.16
N VAL A 104 7.76 16.83 -2.42
CA VAL A 104 8.50 16.79 -1.17
C VAL A 104 10.02 16.84 -1.37
N ARG A 105 10.54 16.50 -2.56
CA ARG A 105 11.98 16.67 -2.86
C ARG A 105 12.38 18.12 -2.65
N GLY A 106 11.63 19.02 -3.26
CA GLY A 106 11.89 20.48 -3.13
C GLY A 106 11.68 21.00 -1.72
N VAL A 107 10.69 20.47 -1.02
CA VAL A 107 10.47 20.91 0.35
C VAL A 107 11.66 20.51 1.23
N ALA A 108 12.08 19.25 1.10
CA ALA A 108 13.25 18.78 1.87
C ALA A 108 14.53 19.55 1.53
N GLU A 109 14.75 19.77 0.26
CA GLU A 109 15.93 20.51 -0.17
C GLU A 109 15.83 21.94 0.39
N GLY A 110 14.63 22.50 0.37
CA GLY A 110 14.42 23.87 0.90
C GLY A 110 14.73 23.98 2.39
N TYR A 111 14.43 22.94 3.13
CA TYR A 111 14.73 22.89 4.56
C TYR A 111 16.23 22.82 4.84
N GLY A 112 17.01 22.31 3.90
CA GLY A 112 18.46 22.27 4.05
C GLY A 112 19.05 20.89 4.08
N PHE A 113 18.24 19.85 3.88
CA PHE A 113 18.79 18.51 3.82
C PHE A 113 19.85 18.44 2.73
N GLN A 114 21.00 17.87 3.07
CA GLN A 114 22.20 17.84 2.22
C GLN A 114 22.05 17.00 0.95
N ASP A 115 21.37 15.88 1.05
CA ASP A 115 21.40 14.86 -0.01
C ASP A 115 20.07 14.18 0.05
N VAL A 116 19.13 14.70 -0.73
CA VAL A 116 17.75 14.21 -0.76
C VAL A 116 17.54 13.24 -1.89
N VAL A 117 17.00 12.07 -1.56
CA VAL A 117 16.62 11.08 -2.54
C VAL A 117 15.11 10.83 -2.40
N HIS A 118 14.39 10.92 -3.53
CA HIS A 118 12.97 10.66 -3.56
C HIS A 118 12.74 9.21 -3.94
N GLN A 119 11.66 8.61 -3.49
CA GLN A 119 11.48 7.19 -3.78
C GLN A 119 11.44 6.87 -5.29
N THR A 120 10.93 7.81 -6.11
CA THR A 120 10.89 7.57 -7.53
C THR A 120 12.29 7.51 -8.16
N ASP A 121 13.32 8.07 -7.49
CA ASP A 121 14.69 7.97 -7.99
C ASP A 121 15.19 6.53 -7.97
N ILE A 122 14.71 5.76 -7.00
CA ILE A 122 15.12 4.36 -6.89
C ILE A 122 14.37 3.53 -7.94
N VAL A 123 13.08 3.79 -8.14
CA VAL A 123 12.36 3.12 -9.20
C VAL A 123 13.02 3.41 -10.58
N ARG A 124 13.40 4.66 -10.82
CA ARG A 124 14.06 4.99 -12.09
C ARG A 124 15.40 4.23 -12.25
N TYR A 125 16.17 4.16 -11.16
CA TYR A 125 17.42 3.44 -11.14
C TYR A 125 17.26 1.98 -11.55
N ASN A 126 16.26 1.32 -11.00
CA ASN A 126 16.05 -0.08 -11.35
C ASN A 126 14.59 -0.41 -11.16
N ARG A 127 13.86 -0.55 -12.26
CA ARG A 127 12.42 -0.78 -12.20
C ARG A 127 12.11 -2.09 -11.50
N ASP A 128 13.04 -3.03 -11.54
CA ASP A 128 12.79 -4.34 -10.95
C ASP A 128 12.82 -4.29 -9.43
N ILE A 129 13.28 -3.19 -8.85
CA ILE A 129 13.17 -3.04 -7.39
C ILE A 129 11.71 -2.99 -6.97
N ALA A 130 10.88 -2.39 -7.83
CA ALA A 130 9.47 -2.15 -7.51
C ALA A 130 8.63 -2.75 -8.61
N PRO A 131 8.44 -4.08 -8.59
CA PRO A 131 7.70 -4.71 -9.66
C PRO A 131 6.27 -4.25 -9.82
N PHE A 132 5.67 -3.73 -8.76
CA PHE A 132 4.27 -3.32 -8.83
C PHE A 132 4.14 -1.80 -8.78
N SER A 133 5.21 -1.09 -9.13
CA SER A 133 5.09 0.35 -9.38
C SER A 133 4.12 0.63 -10.50
N GLY A 134 3.29 1.64 -10.27
CA GLY A 134 2.38 2.13 -11.31
C GLY A 134 2.93 3.24 -12.15
N LEU A 135 4.20 3.62 -11.95
CA LEU A 135 4.71 4.77 -12.70
C LEU A 135 4.74 4.52 -14.20
N SER A 136 4.19 5.45 -14.96
CA SER A 136 4.36 5.45 -16.39
C SER A 136 5.74 6.00 -16.73
N ASP A 137 6.20 5.76 -17.95
CA ASP A 137 7.49 6.30 -18.36
C ASP A 137 7.50 7.80 -18.23
N GLU A 138 6.36 8.41 -18.58
CA GLU A 138 6.19 9.84 -18.55
C GLU A 138 6.28 10.35 -17.09
N GLN A 139 5.69 9.62 -16.15
CA GLN A 139 5.80 9.97 -14.74
C GLN A 139 7.23 9.84 -14.23
N VAL A 140 7.93 8.78 -14.62
CA VAL A 140 9.34 8.62 -14.21
C VAL A 140 10.15 9.81 -14.67
N MSE A 141 9.97 10.26 -15.93
CA MSE A 141 10.67 11.44 -16.47
CA MSE A 141 10.74 11.40 -16.40
C MSE A 141 10.33 12.71 -15.73
O MSE A 141 11.17 13.59 -15.51
CB MSE A 141 10.34 11.64 -17.96
CB MSE A 141 10.71 11.49 -17.94
CG MSE A 141 11.44 12.38 -18.73
CG MSE A 141 11.40 10.29 -18.68
SE MSE A 141 10.77 13.48 -20.22
SE MSE A 141 13.11 9.43 -18.03
CE MSE A 141 9.97 14.79 -18.99
CE MSE A 141 14.03 9.28 -19.74
N GLU A 142 9.05 12.83 -15.35
CA GLU A 142 8.58 14.02 -14.68
C GLU A 142 9.04 14.09 -13.24
N TYR A 143 9.04 12.96 -12.53
CA TYR A 143 9.19 13.00 -11.07
C TYR A 143 10.60 12.76 -10.56
N SER A 144 11.34 11.90 -11.27
CA SER A 144 12.58 11.37 -10.73
C SER A 144 13.81 12.12 -11.21
N ARG A 145 14.91 11.80 -10.57
CA ARG A 145 16.20 12.36 -10.91
C ARG A 145 17.29 11.33 -10.84
N ASP A 146 18.32 11.54 -11.66
CA ASP A 146 19.58 10.81 -11.49
C ASP A 146 20.31 11.36 -10.26
N ILE A 147 20.75 10.44 -9.40
CA ILE A 147 21.31 10.79 -8.13
C ILE A 147 22.76 10.35 -8.06
N PRO A 148 23.69 11.32 -7.96
CA PRO A 148 25.08 10.99 -7.71
C PRO A 148 25.28 10.09 -6.51
N ASP A 149 26.03 9.04 -6.77
CA ASP A 149 26.40 8.11 -5.73
C ASP A 149 25.19 7.44 -5.09
N LEU A 150 24.12 7.20 -5.85
CA LEU A 150 22.95 6.53 -5.29
C LEU A 150 23.35 5.19 -4.67
N THR A 151 24.23 4.47 -5.34
CA THR A 151 24.55 3.08 -4.96
C THR A 151 25.80 2.94 -4.08
N THR A 152 26.48 4.04 -3.80
CA THR A 152 27.77 4.02 -3.14
C THR A 152 27.88 4.91 -1.90
N LYS A 153 26.76 5.47 -1.49
CA LYS A 153 26.68 6.27 -0.29
C LYS A 153 25.44 5.84 0.49
N LYS A 154 25.61 5.62 1.77
CA LYS A 154 24.51 5.13 2.56
C LYS A 154 23.42 6.16 2.80
N PHE A 155 22.23 5.65 2.98
CA PHE A 155 21.13 6.45 3.43
C PHE A 155 21.20 6.51 4.96
N ASP A 156 20.91 7.67 5.53
CA ASP A 156 20.98 7.85 6.96
C ASP A 156 19.63 7.81 7.69
N ALA A 157 18.54 8.08 6.96
CA ALA A 157 17.20 7.98 7.52
C ALA A 157 16.18 7.96 6.42
N VAL A 158 15.00 7.45 6.77
CA VAL A 158 13.79 7.54 5.94
C VAL A 158 12.85 8.53 6.62
N LEU A 159 12.46 9.58 5.90
CA LEU A 159 11.52 10.60 6.41
C LEU A 159 10.29 10.63 5.53
N VAL A 160 9.15 10.23 6.08
CA VAL A 160 7.90 10.26 5.33
C VAL A 160 7.31 11.65 5.52
N PHE A 161 7.25 12.40 4.44
CA PHE A 161 6.82 13.81 4.46
C PHE A 161 5.31 13.91 4.35
N ASN A 162 4.74 13.15 3.42
CA ASN A 162 3.29 13.05 3.25
C ASN A 162 3.03 11.72 2.58
N ASP A 163 1.77 11.45 2.25
CA ASP A 163 1.43 10.19 1.64
C ASP A 163 1.91 10.16 0.19
N PRO A 164 2.77 9.20 -0.17
CA PRO A 164 3.13 9.06 -1.58
C PRO A 164 2.01 8.39 -2.31
N HIS A 165 2.10 8.39 -3.65
CA HIS A 165 1.00 7.95 -4.50
C HIS A 165 1.43 6.73 -5.36
N ASP A 166 2.18 5.78 -4.80
CA ASP A 166 2.52 4.54 -5.55
C ASP A 166 2.89 3.44 -4.57
N TRP A 167 1.94 3.06 -3.74
CA TRP A 167 2.31 2.37 -2.49
C TRP A 167 3.01 1.05 -2.64
N ALA A 168 2.75 0.28 -3.69
CA ALA A 168 3.56 -0.96 -3.85
C ALA A 168 5.07 -0.69 -3.96
N ALA A 169 5.42 0.38 -4.67
CA ALA A 169 6.79 0.80 -4.79
C ALA A 169 7.28 1.42 -3.49
N ASP A 170 6.48 2.33 -2.96
CA ASP A 170 6.83 3.10 -1.79
C ASP A 170 7.13 2.16 -0.59
N ILE A 171 6.23 1.22 -0.37
CA ILE A 171 6.36 0.27 0.76
C ILE A 171 7.54 -0.68 0.53
N GLN A 172 7.69 -1.20 -0.69
CA GLN A 172 8.85 -2.02 -1.01
C GLN A 172 10.16 -1.32 -0.74
N ILE A 173 10.25 -0.07 -1.20
CA ILE A 173 11.48 0.69 -1.10
C ILE A 173 11.79 1.07 0.34
N ILE A 174 10.76 1.48 1.08
CA ILE A 174 10.95 1.72 2.52
C ILE A 174 11.42 0.45 3.22
N SER A 175 10.76 -0.67 2.96
CA SER A 175 11.16 -1.92 3.56
C SER A 175 12.60 -2.26 3.25
N ASP A 176 13.02 -2.08 2.00
CA ASP A 176 14.42 -2.32 1.62
C ASP A 176 15.35 -1.50 2.50
N ALA A 177 15.04 -0.23 2.68
CA ALA A 177 15.92 0.65 3.48
C ALA A 177 16.03 0.25 4.91
N ILE A 178 14.90 -0.10 5.52
CA ILE A 178 14.89 -0.35 6.97
C ILE A 178 15.34 -1.77 7.34
N ASN A 179 15.54 -2.62 6.33
CA ASN A 179 16.12 -3.94 6.46
C ASN A 179 17.50 -4.07 5.75
N SER A 180 18.04 -2.97 5.29
CA SER A 180 19.30 -2.95 4.58
C SER A 180 20.50 -3.16 5.46
N GLU A 181 21.64 -3.29 4.83
CA GLU A 181 22.90 -3.30 5.55
C GLU A 181 23.32 -1.85 5.76
N ASN A 182 22.98 -1.32 6.93
CA ASN A 182 23.25 0.06 7.38
C ASN A 182 22.95 1.13 6.34
N GLY A 183 21.81 0.98 5.70
CA GLY A 183 21.35 2.00 4.80
C GLY A 183 21.88 1.96 3.36
N MSE A 184 22.64 0.94 3.01
CA MSE A 184 23.14 0.84 1.63
C MSE A 184 22.12 0.24 0.67
O MSE A 184 21.59 -0.85 0.93
CB MSE A 184 24.45 0.03 1.60
CG MSE A 184 25.54 0.59 2.49
SE MSE A 184 26.35 2.21 1.78
CE MSE A 184 25.85 2.00 -0.09
N LEU A 185 21.85 0.93 -0.44
CA LEU A 185 20.94 0.39 -1.43
C LEU A 185 21.46 -0.96 -1.91
N ASN A 186 20.54 -1.84 -2.32
CA ASN A 186 20.87 -3.16 -2.90
C ASN A 186 21.40 -4.16 -1.88
N THR A 187 21.10 -3.94 -0.59
CA THR A 187 21.58 -4.85 0.47
C THR A 187 20.44 -5.29 1.39
N LEU A 188 20.71 -6.37 2.12
CA LEU A 188 19.82 -6.92 3.12
C LEU A 188 20.63 -7.42 4.28
N ARG A 189 20.34 -6.91 5.47
CA ARG A 189 21.08 -7.34 6.67
C ARG A 189 20.71 -8.76 7.05
N ASN A 190 21.60 -9.41 7.79
CA ASN A 190 21.33 -10.77 8.22
C ASN A 190 20.44 -10.83 9.46
N GLU A 191 20.57 -9.84 10.33
CA GLU A 191 19.89 -9.97 11.62
C GLU A 191 18.48 -9.43 11.61
N LYS A 192 17.69 -9.97 12.50
CA LYS A 192 16.34 -9.50 12.72
C LYS A 192 16.30 -8.73 14.02
N SER A 193 15.59 -7.62 14.02
CA SER A 193 15.54 -6.76 15.16
C SER A 193 14.33 -5.86 15.11
N GLY A 194 13.94 -5.33 16.27
CA GLY A 194 12.95 -4.26 16.30
C GLY A 194 13.51 -2.92 15.82
N LYS A 195 14.85 -2.81 15.85
CA LYS A 195 15.51 -1.60 15.45
C LYS A 195 15.79 -1.62 13.96
N PRO A 196 15.25 -0.65 13.22
CA PRO A 196 15.46 -0.65 11.77
C PRO A 196 16.89 -0.31 11.43
N SER A 197 17.31 -0.68 10.23
CA SER A 197 18.69 -0.47 9.83
C SER A 197 19.13 0.98 9.89
N ILE A 198 18.19 1.85 9.52
CA ILE A 198 18.31 3.29 9.70
C ILE A 198 16.99 3.79 10.27
N PRO A 199 17.00 4.94 10.95
CA PRO A 199 15.78 5.48 11.54
C PRO A 199 14.73 5.81 10.50
N ILE A 200 13.50 5.64 10.90
CA ILE A 200 12.37 5.98 10.06
C ILE A 200 11.40 6.86 10.83
N TYR A 201 10.96 7.94 10.18
CA TYR A 201 10.04 8.91 10.75
C TYR A 201 8.75 8.94 9.92
N PHE A 202 7.63 8.94 10.62
CA PHE A 202 6.33 9.19 10.03
C PHE A 202 5.84 10.52 10.58
N SER A 203 5.24 11.33 9.72
CA SER A 203 4.84 12.66 10.11
C SER A 203 3.37 12.81 10.47
N ASN A 204 2.58 11.75 10.36
CA ASN A 204 1.14 11.80 10.55
C ASN A 204 0.69 10.37 10.81
N GLN A 205 0.01 10.13 11.91
CA GLN A 205 -0.56 8.82 12.22
C GLN A 205 -2.07 8.77 11.99
N ASP A 206 -2.60 9.67 11.15
CA ASP A 206 -4.05 9.69 10.89
C ASP A 206 -4.47 8.44 10.15
N LEU A 207 -5.28 7.58 10.80
CA LEU A 207 -5.82 6.45 10.07
C LEU A 207 -6.76 6.94 8.96
N LEU A 208 -7.55 7.96 9.29
CA LEU A 208 -8.55 8.50 8.39
C LEU A 208 -8.46 10.00 8.27
N TRP A 209 -8.94 10.52 7.15
CA TRP A 209 -9.04 11.95 6.94
C TRP A 209 -10.20 12.26 6.01
N ALA A 210 -10.57 13.54 5.93
CA ALA A 210 -11.72 13.99 5.16
C ALA A 210 -11.23 14.79 3.94
N ASN A 211 -11.53 14.25 2.76
CA ASN A 211 -11.28 14.87 1.46
C ASN A 211 -12.67 15.19 0.83
N PRO A 212 -12.73 15.47 -0.50
CA PRO A 212 -14.05 15.80 -1.03
C PRO A 212 -15.08 14.67 -1.00
N TYR A 213 -14.62 13.43 -0.91
CA TYR A 213 -15.52 12.29 -0.93
C TYR A 213 -16.28 12.15 0.36
N LYS A 214 -17.51 11.66 0.30
CA LYS A 214 -18.34 11.65 1.50
C LYS A 214 -17.92 10.64 2.58
N LEU A 215 -17.18 9.60 2.22
CA LEU A 215 -16.65 8.61 3.16
C LEU A 215 -15.21 8.92 3.52
N ASN A 216 -14.87 8.76 4.79
CA ASN A 216 -13.52 9.02 5.21
C ASN A 216 -12.53 8.16 4.45
N ARG A 217 -11.40 8.73 4.08
CA ARG A 217 -10.36 7.99 3.37
C ARG A 217 -9.12 7.79 4.24
N PHE A 218 -8.41 6.69 3.98
CA PHE A 218 -7.21 6.33 4.69
C PHE A 218 -6.15 7.40 4.48
N GLY A 219 -5.42 7.69 5.53
CA GLY A 219 -4.34 8.66 5.54
C GLY A 219 -2.99 8.00 5.89
N GLN A 220 -2.03 8.84 6.24
CA GLN A 220 -0.65 8.36 6.45
C GLN A 220 -0.56 7.38 7.61
N GLY A 221 -1.46 7.50 8.57
CA GLY A 221 -1.54 6.49 9.64
C GLY A 221 -1.79 5.09 9.10
N ALA A 222 -2.65 4.97 8.10
CA ALA A 222 -2.82 3.68 7.46
C ALA A 222 -1.55 3.23 6.79
N PHE A 223 -0.92 4.11 6.01
CA PHE A 223 0.38 3.80 5.36
C PHE A 223 1.39 3.29 6.39
N ARG A 224 1.52 4.00 7.50
CA ARG A 224 2.39 3.57 8.59
C ARG A 224 2.06 2.17 9.09
N LEU A 225 0.79 1.89 9.34
CA LEU A 225 0.40 0.55 9.79
C LEU A 225 0.83 -0.53 8.78
N LEU A 226 0.81 -0.19 7.49
CA LEU A 226 1.23 -1.15 6.45
C LEU A 226 2.73 -1.42 6.46
N VAL A 227 3.53 -0.34 6.52
CA VAL A 227 4.96 -0.46 6.67
C VAL A 227 5.29 -1.31 7.91
N ARG A 228 4.63 -0.98 9.02
CA ARG A 228 4.85 -1.71 10.27
C ARG A 228 4.49 -3.18 10.18
N ARG A 229 3.41 -3.48 9.48
CA ARG A 229 3.00 -4.88 9.36
C ARG A 229 4.05 -5.72 8.64
N LEU A 230 4.61 -5.20 7.56
CA LEU A 230 5.60 -5.98 6.81
C LEU A 230 6.93 -6.01 7.53
N TYR A 231 7.25 -4.98 8.29
CA TYR A 231 8.44 -5.01 9.13
C TYR A 231 8.34 -6.11 10.18
N LEU A 232 7.19 -6.20 10.86
CA LEU A 232 6.96 -7.28 11.80
C LEU A 232 7.07 -8.62 11.13
N GLU A 233 6.50 -8.75 9.91
CA GLU A 233 6.55 -10.04 9.24
C GLU A 233 8.01 -10.50 8.99
N LEU A 234 8.86 -9.58 8.56
CA LEU A 234 10.25 -9.93 8.30
C LEU A 234 11.12 -10.08 9.55
N ASN A 235 10.80 -9.37 10.64
CA ASN A 235 11.69 -9.28 11.78
C ASN A 235 11.24 -10.01 13.02
N GLY A 236 9.94 -10.26 13.14
CA GLY A 236 9.33 -10.87 14.32
C GLY A 236 9.32 -9.99 15.56
N GLU A 237 9.62 -8.71 15.36
CA GLU A 237 9.57 -7.69 16.39
C GLU A 237 8.92 -6.45 15.81
N PRO A 238 8.21 -5.69 16.66
CA PRO A 238 7.58 -4.46 16.13
C PRO A 238 8.62 -3.41 15.78
N LEU A 239 8.31 -2.61 14.77
CA LEU A 239 9.19 -1.56 14.32
C LEU A 239 9.35 -0.44 15.35
N GLN A 240 10.61 -0.11 15.61
CA GLN A 240 10.94 1.07 16.39
C GLN A 240 10.98 2.26 15.46
N ASP A 241 9.86 2.98 15.34
CA ASP A 241 9.84 4.18 14.51
C ASP A 241 9.71 5.45 15.37
N TYR A 242 9.88 6.59 14.70
CA TYR A 242 9.62 7.90 15.26
C TYR A 242 8.38 8.44 14.61
N THR A 243 7.48 9.02 15.39
CA THR A 243 6.24 9.52 14.84
C THR A 243 6.06 10.93 15.32
N LEU A 244 5.78 11.83 14.40
CA LEU A 244 5.29 13.15 14.78
C LEU A 244 3.95 13.41 14.12
N GLY A 245 3.49 14.66 14.13
CA GLY A 245 2.13 15.01 13.72
C GLY A 245 1.23 15.02 14.94
N LYS A 246 0.07 15.66 14.83
CA LYS A 246 -0.96 15.51 15.87
C LYS A 246 -1.22 14.00 15.97
N PRO A 247 -1.40 13.46 17.20
CA PRO A 247 -1.56 14.12 18.50
C PRO A 247 -0.30 14.23 19.34
N THR A 248 0.86 14.09 18.71
CA THR A 248 2.12 13.96 19.47
C THR A 248 2.50 15.26 20.18
N LYS A 249 3.09 15.09 21.35
CA LYS A 249 3.61 16.21 22.10
C LYS A 249 4.63 16.99 21.29
N LEU A 250 5.46 16.30 20.50
CA LEU A 250 6.47 17.01 19.71
C LEU A 250 5.79 18.05 18.81
N THR A 251 4.75 17.63 18.13
CA THR A 251 4.07 18.56 17.23
C THR A 251 3.34 19.69 17.94
N TYR A 252 2.65 19.38 19.04
CA TYR A 252 2.02 20.46 19.80
C TYR A 252 3.04 21.45 20.38
N ASP A 253 4.17 20.96 20.85
CA ASP A 253 5.26 21.87 21.31
C ASP A 253 5.72 22.76 20.16
N PHE A 254 5.94 22.14 19.01
CA PHE A 254 6.36 22.90 17.80
C PHE A 254 5.32 23.97 17.44
N ALA A 255 4.05 23.57 17.42
CA ALA A 255 2.97 24.50 17.10
C ALA A 255 2.85 25.63 18.14
N HIS A 256 3.03 25.27 19.40
CA HIS A 256 3.01 26.25 20.48
C HIS A 256 4.10 27.29 20.23
N HIS A 257 5.29 26.85 19.86
CA HIS A 257 6.35 27.81 19.59
C HIS A 257 6.12 28.66 18.35
N VAL A 258 5.50 28.09 17.31
CA VAL A 258 5.12 28.88 16.14
C VAL A 258 4.10 29.97 16.54
N LEU A 259 3.12 29.61 17.38
CA LEU A 259 2.14 30.55 17.89
C LEU A 259 2.79 31.66 18.73
N ILE A 260 3.68 31.28 19.65
CA ILE A 260 4.39 32.24 20.48
C ILE A 260 5.11 33.21 19.58
N ASP A 261 5.83 32.66 18.61
CA ASP A 261 6.64 33.51 17.73
C ASP A 261 5.76 34.45 16.88
N TRP A 262 4.62 33.94 16.44
CA TRP A 262 3.66 34.71 15.65
C TRP A 262 3.06 35.85 16.51
N GLU A 263 2.61 35.54 17.72
CA GLU A 263 2.12 36.58 18.63
C GLU A 263 3.18 37.66 18.89
N LYS A 264 4.44 37.25 19.07
CA LYS A 264 5.54 38.20 19.29
C LYS A 264 5.65 39.13 18.08
N ARG A 265 5.55 38.54 16.89
CA ARG A 265 5.61 39.29 15.63
C ARG A 265 4.45 40.27 15.54
N LEU A 266 3.23 39.81 15.84
CA LEU A 266 2.04 40.67 15.86
C LEU A 266 2.20 41.82 16.83
N SER A 267 2.72 41.52 18.03
CA SER A 267 2.83 42.50 19.13
C SER A 267 3.90 43.53 18.85
N GLY A 268 4.94 43.13 18.13
CA GLY A 268 6.02 44.05 17.76
C GLY A 268 5.58 45.10 16.77
N THR A 283 -2.39 32.80 32.71
CA THR A 283 -1.99 31.82 31.68
C THR A 283 -1.57 30.46 32.24
N LYS A 284 -1.60 29.45 31.40
CA LYS A 284 -1.15 28.09 31.70
C LYS A 284 0.15 27.89 30.92
N PRO A 285 1.01 26.96 31.37
CA PRO A 285 2.23 26.70 30.60
C PRO A 285 1.95 26.35 29.14
N SER A 286 0.95 25.53 28.89
CA SER A 286 0.73 25.09 27.53
C SER A 286 0.10 26.14 26.61
N THR A 287 -0.51 27.18 27.17
CA THR A 287 -1.25 28.17 26.36
C THR A 287 -0.52 29.51 26.29
N SER A 288 0.52 29.66 27.10
CA SER A 288 1.26 30.91 27.22
C SER A 288 1.66 31.43 25.84
N PRO A 289 1.47 32.74 25.58
CA PRO A 289 1.06 33.81 26.50
C PRO A 289 -0.45 34.03 26.59
N PHE A 290 -1.24 33.09 26.06
CA PHE A 290 -2.70 33.23 26.03
C PHE A 290 -3.35 32.60 27.25
N HIS A 291 -4.50 33.14 27.64
CA HIS A 291 -5.34 32.48 28.62
C HIS A 291 -5.87 31.12 28.15
N ALA A 292 -6.21 31.02 26.87
CA ALA A 292 -6.74 29.78 26.32
C ALA A 292 -6.31 29.68 24.86
N VAL A 293 -6.04 28.46 24.42
CA VAL A 293 -5.86 28.17 22.99
C VAL A 293 -6.91 27.12 22.62
N PHE A 294 -7.69 27.41 21.58
CA PHE A 294 -8.71 26.47 21.11
C PHE A 294 -8.32 25.81 19.79
N MSE A 295 -8.05 24.50 19.85
CA MSE A 295 -7.91 23.65 18.67
C MSE A 295 -9.27 23.41 18.04
O MSE A 295 -10.20 23.00 18.74
CB MSE A 295 -7.33 22.30 19.10
CG MSE A 295 -7.02 21.27 17.98
SE MSE A 295 -5.34 21.70 17.10
CE MSE A 295 -5.95 21.46 15.25
N VAL A 296 -9.41 23.67 16.74
CA VAL A 296 -10.64 23.39 16.01
C VAL A 296 -10.34 22.27 15.04
N GLY A 297 -10.96 21.11 15.29
CA GLY A 297 -10.64 19.92 14.54
C GLY A 297 -11.82 19.04 14.20
N ASP A 298 -11.62 18.16 13.23
CA ASP A 298 -12.64 17.20 12.85
C ASP A 298 -12.35 15.76 13.29
N ASN A 299 -11.16 15.51 13.80
CA ASN A 299 -10.73 14.14 14.09
C ASN A 299 -10.40 13.92 15.57
N PRO A 300 -11.29 13.26 16.30
CA PRO A 300 -10.98 13.02 17.72
C PRO A 300 -9.59 12.40 17.98
N ALA A 301 -9.16 11.51 17.08
CA ALA A 301 -7.92 10.74 17.25
C ALA A 301 -6.64 11.52 16.97
N SER A 302 -6.79 12.72 16.47
CA SER A 302 -5.62 13.54 16.21
C SER A 302 -5.78 14.92 16.85
N ASP A 303 -6.69 15.73 16.31
CA ASP A 303 -6.92 17.06 16.80
C ASP A 303 -7.31 17.10 18.27
N ILE A 304 -8.31 16.30 18.65
CA ILE A 304 -8.97 16.49 19.94
C ILE A 304 -8.08 15.88 21.02
N ILE A 305 -7.70 14.63 20.88
CA ILE A 305 -6.84 14.02 21.87
C ILE A 305 -5.48 14.74 21.97
N GLY A 306 -4.98 15.23 20.84
CA GLY A 306 -3.75 16.00 20.84
C GLY A 306 -3.87 17.27 21.67
N ALA A 307 -4.90 18.04 21.42
CA ALA A 307 -5.10 19.28 22.15
C ALA A 307 -5.30 18.97 23.63
N GLN A 308 -6.18 18.00 23.91
CA GLN A 308 -6.51 17.62 25.27
C GLN A 308 -5.27 17.21 26.07
N ASN A 309 -4.41 16.39 25.48
CA ASN A 309 -3.21 15.92 26.19
C ASN A 309 -2.23 17.03 26.41
N TYR A 310 -2.20 17.99 25.48
CA TYR A 310 -1.25 19.10 25.57
C TYR A 310 -1.68 20.16 26.57
N GLY A 311 -2.97 20.27 26.81
CA GLY A 311 -3.50 21.29 27.68
C GLY A 311 -4.36 22.35 27.05
N TRP A 312 -4.57 22.25 25.74
CA TRP A 312 -5.41 23.19 25.00
C TRP A 312 -6.88 22.77 25.09
N ASN A 313 -7.76 23.74 24.90
CA ASN A 313 -9.16 23.49 24.69
C ASN A 313 -9.39 23.06 23.25
N SER A 314 -10.60 22.60 23.01
CA SER A 314 -10.92 22.06 21.71
C SER A 314 -12.35 22.20 21.30
N CYS A 315 -12.53 22.40 20.02
CA CYS A 315 -13.81 22.36 19.39
C CYS A 315 -13.81 21.28 18.33
N LEU A 316 -14.73 20.36 18.43
CA LEU A 316 -14.91 19.32 17.47
C LEU A 316 -16.04 19.66 16.52
N VAL A 317 -15.73 19.71 15.23
CA VAL A 317 -16.72 19.99 14.19
C VAL A 317 -17.24 18.70 13.52
N LYS A 318 -18.33 18.81 12.77
CA LYS A 318 -19.00 17.66 12.14
C LYS A 318 -18.84 17.63 10.61
N THR A 319 -17.97 18.50 10.12
CA THR A 319 -17.75 18.65 8.68
C THR A 319 -16.65 17.74 8.11
N GLY A 320 -16.10 16.84 8.92
CA GLY A 320 -15.01 15.96 8.46
C GLY A 320 -15.16 14.53 8.95
N VAL A 321 -14.12 14.05 9.63
CA VAL A 321 -14.02 12.65 10.02
C VAL A 321 -15.11 12.22 11.01
N TYR A 322 -15.34 13.06 12.03
CA TYR A 322 -16.32 12.77 13.07
C TYR A 322 -17.73 12.96 12.56
N ASN A 323 -18.57 11.98 12.90
CA ASN A 323 -20.01 12.06 12.68
C ASN A 323 -20.69 12.02 14.05
N GLU A 324 -21.80 12.75 14.16
CA GLU A 324 -22.58 12.77 15.37
C GLU A 324 -22.91 11.34 15.82
N GLY A 325 -22.69 11.08 17.10
CA GLY A 325 -22.92 9.76 17.67
C GLY A 325 -21.73 8.81 17.59
N ASP A 326 -20.63 9.18 16.92
CA ASP A 326 -19.44 8.34 16.92
C ASP A 326 -18.90 8.29 18.32
N ASP A 327 -18.28 7.17 18.71
CA ASP A 327 -17.79 7.08 20.08
C ASP A 327 -16.54 7.92 20.24
N LEU A 328 -16.53 8.72 21.28
CA LEU A 328 -15.45 9.63 21.55
C LEU A 328 -14.30 9.10 22.37
N LYS A 329 -14.41 7.85 22.82
CA LYS A 329 -13.37 7.17 23.56
C LYS A 329 -12.88 8.02 24.70
N GLU A 330 -11.60 8.33 24.75
CA GLU A 330 -11.15 9.11 25.86
C GLU A 330 -11.22 10.60 25.62
N CYS A 331 -11.58 11.02 24.42
CA CYS A 331 -11.59 12.45 24.11
C CYS A 331 -12.79 13.21 24.68
N LYS A 332 -12.54 14.35 25.33
CA LYS A 332 -13.64 15.17 25.79
C LYS A 332 -13.49 16.56 25.18
N PRO A 333 -14.03 16.77 24.00
CA PRO A 333 -13.90 18.09 23.41
C PRO A 333 -14.52 19.12 24.33
N THR A 334 -13.99 20.33 24.33
CA THR A 334 -14.61 21.41 25.08
C THR A 334 -16.02 21.73 24.55
N LEU A 335 -16.16 21.75 23.23
CA LEU A 335 -17.44 21.97 22.55
C LEU A 335 -17.46 21.06 21.32
N ILE A 336 -18.67 20.63 20.97
CA ILE A 336 -18.97 19.92 19.73
C ILE A 336 -19.99 20.79 18.99
N VAL A 337 -19.64 21.12 17.74
CA VAL A 337 -20.39 22.09 16.93
C VAL A 337 -20.45 21.61 15.47
N ASN A 338 -21.29 22.25 14.68
CA ASN A 338 -21.54 21.81 13.33
C ASN A 338 -20.32 22.06 12.45
N ASP A 339 -19.77 23.26 12.55
CA ASP A 339 -18.78 23.68 11.61
C ASP A 339 -17.85 24.74 12.20
N VAL A 340 -16.87 25.14 11.41
CA VAL A 340 -15.80 26.01 11.90
C VAL A 340 -16.31 27.41 12.30
N PHE A 341 -17.27 27.93 11.56
CA PHE A 341 -17.83 29.24 11.93
C PHE A 341 -18.60 29.15 13.26
N ASP A 342 -19.36 28.08 13.48
CA ASP A 342 -19.99 27.86 14.79
C ASP A 342 -18.95 27.70 15.89
N ALA A 343 -17.85 27.01 15.59
CA ALA A 343 -16.77 26.84 16.56
C ALA A 343 -16.25 28.21 17.00
N VAL A 344 -15.97 29.09 16.06
CA VAL A 344 -15.42 30.40 16.41
C VAL A 344 -16.43 31.23 17.16
N THR A 345 -17.64 31.30 16.62
CA THR A 345 -18.69 32.15 17.21
C THR A 345 -19.06 31.70 18.60
N LYS A 346 -19.27 30.39 18.79
CA LYS A 346 -19.63 29.88 20.12
C LYS A 346 -18.48 29.96 21.13
N THR A 347 -17.23 29.78 20.69
CA THR A 347 -16.10 29.91 21.59
C THR A 347 -15.93 31.35 22.06
N LEU A 348 -16.06 32.30 21.15
CA LEU A 348 -15.91 33.72 21.50
C LEU A 348 -16.99 34.15 22.47
N GLU A 349 -18.20 33.65 22.25
CA GLU A 349 -19.33 33.94 23.13
C GLU A 349 -19.12 33.48 24.58
N LYS A 350 -18.59 32.27 24.75
CA LYS A 350 -18.42 31.67 26.06
C LYS A 350 -17.08 32.00 26.67
N TYR A 351 -16.01 31.89 25.87
CA TYR A 351 -14.64 31.93 26.39
C TYR A 351 -13.83 33.21 26.10
N ALA A 352 -14.37 34.12 25.29
CA ALA A 352 -13.73 35.42 25.05
C ALA A 352 -14.44 36.54 25.83
N LYS B 13 6.11 -44.38 -13.82
CA LYS B 13 5.36 -43.18 -14.26
C LYS B 13 5.54 -41.99 -13.30
N ILE B 14 6.18 -40.96 -13.80
CA ILE B 14 6.43 -39.72 -13.05
C ILE B 14 5.89 -38.55 -13.90
N ALA B 15 5.50 -37.47 -13.22
CA ALA B 15 5.14 -36.21 -13.86
C ALA B 15 5.80 -35.13 -13.09
N PHE B 16 5.92 -33.95 -13.71
CA PHE B 16 6.47 -32.79 -13.06
C PHE B 16 5.47 -31.65 -13.05
N ALA B 17 5.55 -30.81 -12.01
CA ALA B 17 4.79 -29.55 -11.92
C ALA B 17 5.81 -28.47 -11.61
N PHE B 18 6.06 -27.63 -12.61
CA PHE B 18 7.06 -26.56 -12.48
C PHE B 18 6.43 -25.25 -12.02
N ASP B 19 6.97 -24.70 -10.96
CA ASP B 19 6.81 -23.28 -10.73
C ASP B 19 7.47 -22.47 -11.87
N ILE B 20 7.09 -21.21 -12.00
CA ILE B 20 7.69 -20.33 -13.02
C ILE B 20 8.70 -19.36 -12.41
N ASP B 21 8.25 -18.41 -11.58
CA ASP B 21 9.15 -17.37 -11.06
C ASP B 21 10.19 -17.97 -10.14
N GLY B 22 11.46 -17.80 -10.50
CA GLY B 22 12.60 -18.31 -9.73
C GLY B 22 12.97 -19.75 -10.09
N VAL B 23 12.22 -20.35 -11.01
CA VAL B 23 12.49 -21.74 -11.50
C VAL B 23 12.75 -21.79 -13.01
N LEU B 24 11.78 -21.30 -13.79
CA LEU B 24 11.95 -21.23 -15.26
C LEU B 24 12.37 -19.84 -15.75
N PHE B 25 11.95 -18.81 -15.04
CA PHE B 25 12.17 -17.41 -15.43
C PHE B 25 12.57 -16.58 -14.24
N ARG B 26 13.33 -15.53 -14.48
CA ARG B 26 13.37 -14.36 -13.58
C ARG B 26 12.83 -13.22 -14.44
N GLY B 27 11.63 -12.72 -14.11
CA GLY B 27 10.93 -11.79 -14.98
C GLY B 27 10.64 -12.39 -16.34
N LYS B 28 11.08 -11.70 -17.39
CA LYS B 28 10.86 -12.16 -18.77
C LYS B 28 12.01 -13.04 -19.29
N LYS B 29 13.07 -13.17 -18.49
CA LYS B 29 14.30 -13.84 -18.93
C LYS B 29 14.32 -15.29 -18.47
N PRO B 30 14.46 -16.24 -19.41
CA PRO B 30 14.61 -17.61 -18.96
C PRO B 30 15.80 -17.83 -18.09
N ILE B 31 15.67 -18.71 -17.10
CA ILE B 31 16.83 -19.17 -16.34
C ILE B 31 17.54 -20.21 -17.20
N ALA B 32 18.86 -20.17 -17.17
CA ALA B 32 19.63 -21.15 -17.95
C ALA B 32 19.31 -22.55 -17.47
N GLY B 33 19.01 -23.42 -18.43
CA GLY B 33 18.60 -24.77 -18.11
C GLY B 33 17.13 -25.01 -18.22
N ALA B 34 16.32 -23.94 -18.20
CA ALA B 34 14.85 -24.09 -18.22
C ALA B 34 14.34 -24.65 -19.52
N SER B 35 14.85 -24.12 -20.63
CA SER B 35 14.47 -24.65 -21.94
C SER B 35 14.88 -26.13 -22.09
N ASP B 36 16.12 -26.44 -21.76
CA ASP B 36 16.63 -27.82 -21.83
C ASP B 36 15.83 -28.77 -20.95
N ALA B 37 15.39 -28.28 -19.79
CA ALA B 37 14.63 -29.09 -18.84
C ALA B 37 13.35 -29.57 -19.49
N LEU B 38 12.62 -28.65 -20.10
CA LEU B 38 11.34 -29.00 -20.70
C LEU B 38 11.54 -29.82 -21.98
N LYS B 39 12.59 -29.52 -22.74
CA LYS B 39 12.91 -30.28 -23.95
C LYS B 39 13.24 -31.74 -23.60
N LEU B 40 13.96 -31.91 -22.50
CA LEU B 40 14.31 -33.23 -22.01
C LEU B 40 13.05 -34.00 -21.64
N LEU B 41 12.12 -33.38 -20.93
CA LEU B 41 10.86 -34.07 -20.60
C LEU B 41 10.10 -34.44 -21.87
N ASN B 42 10.05 -33.53 -22.81
CA ASN B 42 9.30 -33.81 -24.05
C ASN B 42 9.94 -34.95 -24.83
N ARG B 43 11.27 -34.97 -24.94
CA ARG B 43 11.99 -36.10 -25.58
C ARG B 43 11.62 -37.43 -24.96
N ASN B 44 11.52 -37.43 -23.62
CA ASN B 44 11.27 -38.64 -22.84
C ASN B 44 9.76 -38.91 -22.68
N LYS B 45 8.91 -38.07 -23.27
CA LYS B 45 7.47 -38.19 -23.16
C LYS B 45 6.96 -38.18 -21.71
N ILE B 46 7.60 -37.35 -20.88
CA ILE B 46 7.20 -37.21 -19.47
C ILE B 46 6.30 -35.99 -19.36
N PRO B 47 5.07 -36.17 -18.86
CA PRO B 47 4.13 -35.06 -18.79
C PRO B 47 4.51 -34.04 -17.74
N TYR B 48 4.23 -32.79 -18.04
CA TYR B 48 4.40 -31.73 -17.06
C TYR B 48 3.29 -30.70 -17.16
N ILE B 49 3.09 -30.01 -16.05
CA ILE B 49 2.25 -28.82 -16.00
C ILE B 49 3.10 -27.70 -15.42
N LEU B 50 2.63 -26.48 -15.64
CA LEU B 50 3.17 -25.31 -14.97
C LEU B 50 2.16 -24.88 -13.88
N LEU B 51 2.63 -24.69 -12.66
CA LEU B 51 1.77 -24.32 -11.53
C LEU B 51 2.40 -23.12 -10.87
N THR B 52 1.83 -21.96 -11.17
CA THR B 52 2.39 -20.67 -10.77
C THR B 52 1.38 -19.87 -9.94
N ASN B 53 1.90 -19.16 -8.93
CA ASN B 53 1.11 -18.16 -8.21
C ASN B 53 1.11 -16.77 -8.85
N GLY B 54 1.82 -16.65 -9.96
CA GLY B 54 1.72 -15.49 -10.83
C GLY B 54 0.45 -15.51 -11.63
N GLY B 55 0.20 -14.43 -12.36
CA GLY B 55 -0.99 -14.36 -13.18
C GLY B 55 -1.13 -12.97 -13.74
N GLY B 56 -2.23 -12.74 -14.45
CA GLY B 56 -2.55 -11.42 -15.00
C GLY B 56 -3.06 -11.53 -16.41
N PHE B 57 -2.46 -12.43 -17.18
CA PHE B 57 -2.85 -12.68 -18.55
C PHE B 57 -3.61 -13.97 -18.66
N SER B 58 -4.33 -14.14 -19.78
CA SER B 58 -5.02 -15.38 -20.03
C SER B 58 -4.03 -16.53 -20.05
N GLU B 59 -4.54 -17.73 -19.84
CA GLU B 59 -3.72 -18.94 -19.90
C GLU B 59 -3.10 -19.09 -21.27
N ARG B 60 -3.86 -18.70 -22.28
CA ARG B 60 -3.38 -18.75 -23.66
C ARG B 60 -2.25 -17.76 -23.88
N ALA B 61 -2.45 -16.51 -23.46
CA ALA B 61 -1.45 -15.49 -23.73
C ALA B 61 -0.18 -15.82 -22.94
N ARG B 62 -0.31 -16.33 -21.72
CA ARG B 62 0.88 -16.64 -20.93
C ARG B 62 1.69 -17.77 -21.50
N THR B 63 1.01 -18.86 -21.90
CA THR B 63 1.68 -19.98 -22.51
C THR B 63 2.26 -19.64 -23.88
N GLU B 64 1.66 -18.69 -24.59
CA GLU B 64 2.23 -18.27 -25.87
C GLU B 64 3.59 -17.58 -25.65
N PHE B 65 3.62 -16.69 -24.64
CA PHE B 65 4.86 -16.04 -24.28
C PHE B 65 5.91 -17.05 -23.83
N ILE B 66 5.55 -17.95 -22.91
CA ILE B 66 6.55 -18.91 -22.39
C ILE B 66 7.09 -19.80 -23.54
N SER B 67 6.19 -20.22 -24.42
CA SER B 67 6.53 -21.07 -25.57
C SER B 67 7.60 -20.38 -26.43
N SER B 68 7.36 -19.11 -26.71
CA SER B 68 8.29 -18.33 -27.53
CA SER B 68 8.29 -18.32 -27.54
C SER B 68 9.67 -18.23 -26.87
N LYS B 69 9.68 -17.96 -25.56
CA LYS B 69 10.94 -17.70 -24.86
C LYS B 69 11.75 -18.97 -24.62
N LEU B 70 11.08 -20.10 -24.37
CA LEU B 70 11.76 -21.38 -24.06
C LEU B 70 11.89 -22.32 -25.27
N ASP B 71 11.39 -21.90 -26.43
CA ASP B 71 11.44 -22.72 -27.66
C ASP B 71 10.84 -24.12 -27.49
N VAL B 72 9.72 -24.20 -26.78
CA VAL B 72 8.92 -25.43 -26.67
C VAL B 72 7.47 -25.03 -26.80
N ASP B 73 6.65 -25.98 -27.19
CA ASP B 73 5.21 -25.78 -27.27
C ASP B 73 4.55 -26.08 -25.92
N VAL B 74 4.23 -25.03 -25.18
CA VAL B 74 3.46 -25.15 -23.96
C VAL B 74 2.00 -24.84 -24.26
N SER B 75 1.14 -25.81 -24.00
CA SER B 75 -0.30 -25.67 -24.27
C SER B 75 -0.97 -24.85 -23.15
N PRO B 76 -2.00 -24.07 -23.52
CA PRO B 76 -2.84 -23.40 -22.53
C PRO B 76 -3.48 -24.39 -21.55
N LEU B 77 -3.52 -25.67 -21.91
CA LEU B 77 -4.06 -26.73 -21.08
C LEU B 77 -3.05 -27.32 -20.08
N GLN B 78 -1.84 -26.77 -20.05
CA GLN B 78 -0.78 -27.25 -19.14
C GLN B 78 -0.50 -26.30 -18.01
N ILE B 79 -1.28 -25.23 -17.89
CA ILE B 79 -0.93 -24.18 -16.93
C ILE B 79 -2.04 -23.91 -15.92
N ILE B 80 -1.63 -23.72 -14.68
CA ILE B 80 -2.50 -23.20 -13.65
C ILE B 80 -1.84 -21.97 -13.09
N GLN B 81 -2.52 -20.82 -13.16
CA GLN B 81 -2.02 -19.57 -12.61
C GLN B 81 -2.84 -19.27 -11.35
N SER B 82 -2.47 -18.22 -10.63
CA SER B 82 -3.15 -17.92 -9.36
C SER B 82 -4.69 -17.94 -9.49
N HIS B 83 -5.15 -17.26 -10.52
CA HIS B 83 -6.57 -17.04 -10.78
C HIS B 83 -7.32 -18.10 -11.59
N THR B 84 -6.64 -19.12 -12.11
CA THR B 84 -7.31 -20.10 -12.94
C THR B 84 -8.47 -20.76 -12.20
N PRO B 85 -8.29 -21.08 -10.90
CA PRO B 85 -9.43 -21.69 -10.22
C PRO B 85 -10.63 -20.77 -10.01
N TYR B 86 -10.50 -19.48 -10.27
CA TYR B 86 -11.67 -18.62 -10.16
C TYR B 86 -12.77 -18.97 -11.17
N LYS B 87 -12.42 -19.80 -12.14
CA LYS B 87 -13.46 -20.41 -13.01
C LYS B 87 -14.60 -21.04 -12.21
N SER B 88 -14.28 -21.60 -11.05
CA SER B 88 -15.26 -22.25 -10.19
C SER B 88 -16.29 -21.29 -9.59
N LEU B 89 -16.03 -19.98 -9.64
CA LEU B 89 -16.84 -18.97 -8.97
C LEU B 89 -17.82 -18.23 -9.89
N VAL B 90 -17.78 -18.52 -11.18
CA VAL B 90 -18.53 -17.76 -12.17
C VAL B 90 -20.03 -17.83 -11.92
N ASN B 91 -20.52 -18.96 -11.45
CA ASN B 91 -21.94 -19.05 -11.15
C ASN B 91 -22.35 -18.59 -9.75
N LYS B 92 -21.38 -18.24 -8.90
CA LYS B 92 -21.65 -17.85 -7.53
C LYS B 92 -21.92 -16.34 -7.39
N TYR B 93 -21.19 -15.54 -8.17
CA TYR B 93 -21.15 -14.09 -7.98
C TYR B 93 -21.44 -13.39 -9.30
N SER B 94 -22.53 -12.63 -9.34
CA SER B 94 -22.93 -11.93 -10.57
C SER B 94 -21.97 -10.80 -10.90
N ARG B 95 -21.73 -9.91 -9.95
CA ARG B 95 -20.79 -8.82 -10.17
C ARG B 95 -19.56 -9.03 -9.29
N ILE B 96 -18.40 -8.96 -9.90
CA ILE B 96 -17.16 -9.03 -9.14
C ILE B 96 -16.35 -7.76 -9.31
N LEU B 97 -15.66 -7.39 -8.24
CA LEU B 97 -14.54 -6.48 -8.35
C LEU B 97 -13.30 -7.36 -8.61
N ALA B 98 -12.83 -7.31 -9.85
CA ALA B 98 -11.65 -8.06 -10.29
C ALA B 98 -10.44 -7.17 -10.10
N VAL B 99 -9.64 -7.46 -9.07
CA VAL B 99 -8.49 -6.63 -8.69
C VAL B 99 -7.24 -7.27 -9.30
N GLY B 100 -6.44 -6.45 -9.95
CA GLY B 100 -5.18 -6.90 -10.52
C GLY B 100 -4.71 -5.90 -11.53
N THR B 101 -3.76 -6.30 -12.37
CA THR B 101 -3.37 -5.45 -13.48
C THR B 101 -4.56 -5.34 -14.45
N PRO B 102 -4.56 -4.34 -15.33
CA PRO B 102 -5.71 -4.10 -16.18
C PRO B 102 -6.13 -5.31 -17.03
N SER B 103 -5.17 -6.18 -17.36
CA SER B 103 -5.47 -7.38 -18.16
C SER B 103 -6.41 -8.34 -17.46
N VAL B 104 -6.53 -8.23 -16.13
CA VAL B 104 -7.38 -9.19 -15.43
C VAL B 104 -8.87 -9.04 -15.76
N ARG B 105 -9.26 -7.86 -16.20
CA ARG B 105 -10.63 -7.66 -16.66
C ARG B 105 -10.98 -8.70 -17.74
N GLY B 106 -10.16 -8.74 -18.78
CA GLY B 106 -10.36 -9.64 -19.91
C GLY B 106 -10.27 -11.10 -19.49
N VAL B 107 -9.37 -11.40 -18.58
CA VAL B 107 -9.26 -12.77 -18.10
C VAL B 107 -10.59 -13.17 -17.43
N ALA B 108 -11.09 -12.33 -16.54
CA ALA B 108 -12.37 -12.62 -15.84
C ALA B 108 -13.55 -12.74 -16.80
N GLU B 109 -13.62 -11.84 -17.76
CA GLU B 109 -14.65 -11.90 -18.79
CA GLU B 109 -14.68 -11.89 -18.74
C GLU B 109 -14.58 -13.22 -19.54
N GLY B 110 -13.36 -13.64 -19.87
CA GLY B 110 -13.13 -14.92 -20.58
C GLY B 110 -13.62 -16.13 -19.80
N TYR B 111 -13.43 -16.12 -18.48
CA TYR B 111 -13.93 -17.20 -17.63
C TYR B 111 -15.45 -17.27 -17.60
N GLY B 112 -16.10 -16.17 -17.94
CA GLY B 112 -17.56 -16.10 -18.01
C GLY B 112 -18.24 -15.28 -16.93
N PHE B 113 -17.48 -14.53 -16.13
CA PHE B 113 -18.11 -13.64 -15.16
C PHE B 113 -19.03 -12.69 -15.90
N GLN B 114 -20.24 -12.54 -15.37
CA GLN B 114 -21.34 -11.81 -15.99
C GLN B 114 -21.09 -10.29 -16.02
N ASP B 115 -20.53 -9.78 -14.94
CA ASP B 115 -20.39 -8.34 -14.74
C ASP B 115 -19.11 -8.12 -13.99
N VAL B 116 -18.11 -7.66 -14.72
CA VAL B 116 -16.74 -7.48 -14.21
C VAL B 116 -16.45 -5.99 -14.07
N VAL B 117 -16.03 -5.59 -12.89
CA VAL B 117 -15.59 -4.22 -12.63
C VAL B 117 -14.13 -4.33 -12.20
N HIS B 118 -13.27 -3.54 -12.83
CA HIS B 118 -11.85 -3.44 -12.44
C HIS B 118 -11.72 -2.29 -11.46
N GLN B 119 -10.70 -2.33 -10.59
CA GLN B 119 -10.57 -1.27 -9.59
C GLN B 119 -10.38 0.11 -10.21
N THR B 120 -9.75 0.16 -11.38
CA THR B 120 -9.53 1.46 -12.05
C THR B 120 -10.84 2.10 -12.52
N ASP B 121 -11.87 1.29 -12.70
CA ASP B 121 -13.18 1.81 -13.10
C ASP B 121 -13.78 2.68 -12.03
N ILE B 122 -13.45 2.38 -10.77
CA ILE B 122 -13.90 3.19 -9.63
C ILE B 122 -13.13 4.52 -9.56
N VAL B 123 -11.82 4.48 -9.85
CA VAL B 123 -11.00 5.66 -9.94
C VAL B 123 -11.49 6.57 -11.07
N ARG B 124 -11.83 5.99 -12.22
CA ARG B 124 -12.40 6.75 -13.33
C ARG B 124 -13.67 7.51 -12.90
N TYR B 125 -14.57 6.80 -12.22
CA TYR B 125 -15.83 7.35 -11.74
C TYR B 125 -15.67 8.53 -10.76
N ASN B 126 -14.74 8.41 -9.83
CA ASN B 126 -14.53 9.47 -8.85
C ASN B 126 -13.12 9.39 -8.31
N ARG B 127 -12.25 10.28 -8.82
CA ARG B 127 -10.85 10.25 -8.35
C ARG B 127 -10.71 10.46 -6.84
N ASP B 128 -11.68 11.15 -6.25
CA ASP B 128 -11.59 11.42 -4.79
C ASP B 128 -11.76 10.17 -3.91
N ILE B 129 -12.26 9.08 -4.50
CA ILE B 129 -12.33 7.83 -3.77
C ILE B 129 -10.91 7.34 -3.43
N ALA B 130 -9.96 7.62 -4.31
CA ALA B 130 -8.58 7.13 -4.11
C ALA B 130 -7.62 8.30 -4.18
N PRO B 131 -7.51 9.07 -3.09
CA PRO B 131 -6.73 10.29 -3.18
C PRO B 131 -5.27 10.06 -3.46
N PHE B 132 -4.76 8.87 -3.14
CA PHE B 132 -3.33 8.59 -3.34
C PHE B 132 -3.08 7.64 -4.51
N SER B 133 -4.05 7.54 -5.41
CA SER B 133 -3.83 6.87 -6.68
C SER B 133 -2.70 7.57 -7.43
N GLY B 134 -1.82 6.77 -8.03
CA GLY B 134 -0.79 7.26 -8.90
C GLY B 134 -1.12 7.26 -10.38
N LEU B 135 -2.36 6.91 -10.72
CA LEU B 135 -2.74 6.84 -12.12
C LEU B 135 -2.69 8.20 -12.80
N SER B 136 -1.95 8.29 -13.91
CA SER B 136 -2.00 9.51 -14.72
C SER B 136 -3.35 9.52 -15.43
N ASP B 137 -3.74 10.69 -15.94
CA ASP B 137 -4.98 10.79 -16.74
C ASP B 137 -4.93 9.81 -17.91
N GLU B 138 -3.79 9.67 -18.56
CA GLU B 138 -3.65 8.70 -19.66
C GLU B 138 -3.83 7.27 -19.21
N GLN B 139 -3.29 6.91 -18.03
CA GLN B 139 -3.47 5.56 -17.52
C GLN B 139 -4.91 5.29 -17.17
N VAL B 140 -5.59 6.25 -16.55
CA VAL B 140 -7.02 6.08 -16.29
C VAL B 140 -7.77 5.79 -17.58
N MSE B 141 -7.51 6.57 -18.61
CA MSE B 141 -8.21 6.37 -19.88
C MSE B 141 -7.94 5.00 -20.50
O MSE B 141 -8.86 4.36 -21.02
CB MSE B 141 -7.85 7.47 -20.86
CG MSE B 141 -8.45 8.75 -20.46
SE MSE B 141 -8.18 10.05 -21.87
CE MSE B 141 -6.66 10.92 -21.06
N GLU B 142 -6.70 4.54 -20.43
CA GLU B 142 -6.33 3.28 -21.03
C GLU B 142 -6.85 2.08 -20.25
N TYR B 143 -6.71 2.12 -18.94
CA TYR B 143 -6.93 0.94 -18.11
C TYR B 143 -8.38 0.68 -17.79
N SER B 144 -9.16 1.77 -17.64
CA SER B 144 -10.48 1.70 -17.10
C SER B 144 -11.56 1.85 -18.15
N ARG B 145 -12.77 1.51 -17.73
CA ARG B 145 -13.98 1.57 -18.57
C ARG B 145 -15.10 2.32 -17.84
N ASP B 146 -16.03 2.90 -18.62
CA ASP B 146 -17.26 3.47 -18.02
C ASP B 146 -18.21 2.31 -17.69
N ILE B 147 -18.66 2.28 -16.45
CA ILE B 147 -19.57 1.27 -15.96
C ILE B 147 -20.85 2.00 -15.53
N PRO B 148 -21.91 1.96 -16.35
CA PRO B 148 -23.02 2.86 -16.12
C PRO B 148 -23.87 2.57 -14.87
N ASP B 149 -23.79 1.33 -14.34
CA ASP B 149 -24.50 0.92 -13.13
C ASP B 149 -23.50 0.58 -12.03
N LEU B 150 -22.37 1.26 -12.05
CA LEU B 150 -21.36 1.06 -11.00
C LEU B 150 -21.93 1.33 -9.61
N THR B 151 -22.81 2.31 -9.49
CA THR B 151 -23.32 2.74 -8.18
C THR B 151 -24.69 2.19 -7.81
N THR B 152 -25.35 1.55 -8.76
CA THR B 152 -26.72 1.11 -8.56
C THR B 152 -26.84 -0.41 -8.49
N LYS B 153 -25.85 -1.15 -8.95
CA LYS B 153 -25.88 -2.60 -8.85
C LYS B 153 -24.84 -3.04 -7.82
N LYS B 154 -25.23 -3.88 -6.90
CA LYS B 154 -24.33 -4.26 -5.82
C LYS B 154 -23.18 -5.13 -6.34
N PHE B 155 -22.04 -5.05 -5.70
CA PHE B 155 -20.98 -5.98 -5.93
C PHE B 155 -21.24 -7.23 -5.12
N ASP B 156 -20.92 -8.40 -5.67
CA ASP B 156 -21.14 -9.67 -4.96
C ASP B 156 -19.89 -10.30 -4.36
N ALA B 157 -18.72 -9.92 -4.85
CA ALA B 157 -17.45 -10.43 -4.29
C ALA B 157 -16.30 -9.59 -4.82
N VAL B 158 -15.21 -9.65 -4.08
CA VAL B 158 -13.93 -9.10 -4.49
C VAL B 158 -13.02 -10.28 -4.79
N LEU B 159 -12.46 -10.32 -5.99
CA LEU B 159 -11.52 -11.39 -6.40
C LEU B 159 -10.22 -10.78 -6.78
N VAL B 160 -9.16 -11.09 -6.03
CA VAL B 160 -7.85 -10.56 -6.39
C VAL B 160 -7.19 -11.58 -7.33
N PHE B 161 -7.04 -11.17 -8.58
CA PHE B 161 -6.51 -12.03 -9.62
C PHE B 161 -4.99 -12.07 -9.60
N ASN B 162 -4.39 -10.92 -9.43
CA ASN B 162 -2.92 -10.81 -9.29
C ASN B 162 -2.59 -9.53 -8.56
N ASP B 163 -1.30 -9.20 -8.41
CA ASP B 163 -0.92 -7.97 -7.71
C ASP B 163 -1.25 -6.76 -8.62
N PRO B 164 -2.14 -5.86 -8.15
CA PRO B 164 -2.37 -4.63 -8.89
C PRO B 164 -1.16 -3.70 -8.70
N HIS B 165 -1.06 -2.65 -9.49
CA HIS B 165 0.08 -1.76 -9.50
C HIS B 165 -0.26 -0.34 -9.06
N ASP B 166 -1.17 -0.18 -8.10
CA ASP B 166 -1.50 1.16 -7.56
C ASP B 166 -2.06 1.05 -6.15
N TRP B 167 -1.23 0.56 -5.24
CA TRP B 167 -1.78 -0.01 -4.02
C TRP B 167 -2.56 0.94 -3.12
N ALA B 168 -2.24 2.24 -3.08
CA ALA B 168 -3.03 3.12 -2.23
C ALA B 168 -4.46 3.18 -2.73
N ALA B 169 -4.65 3.16 -4.04
CA ALA B 169 -6.00 3.07 -4.57
C ALA B 169 -6.61 1.69 -4.38
N ASP B 170 -5.85 0.66 -4.75
CA ASP B 170 -6.33 -0.73 -4.71
C ASP B 170 -6.80 -1.10 -3.30
N ILE B 171 -5.99 -0.76 -2.30
CA ILE B 171 -6.31 -1.11 -0.93
C ILE B 171 -7.53 -0.30 -0.39
N GLN B 172 -7.60 0.99 -0.74
CA GLN B 172 -8.72 1.82 -0.35
C GLN B 172 -10.02 1.30 -0.92
N ILE B 173 -9.96 0.92 -2.20
CA ILE B 173 -11.16 0.48 -2.92
C ILE B 173 -11.60 -0.90 -2.44
N ILE B 174 -10.65 -1.79 -2.21
CA ILE B 174 -11.01 -3.10 -1.59
C ILE B 174 -11.65 -2.84 -0.21
N SER B 175 -11.03 -2.03 0.63
CA SER B 175 -11.57 -1.75 1.95
C SER B 175 -12.98 -1.18 1.91
N ASP B 176 -13.23 -0.32 0.95
CA ASP B 176 -14.56 0.26 0.79
C ASP B 176 -15.58 -0.85 0.53
N ALA B 177 -15.23 -1.78 -0.36
CA ALA B 177 -16.10 -2.86 -0.74
C ALA B 177 -16.41 -3.78 0.45
N ILE B 178 -15.39 -4.17 1.21
CA ILE B 178 -15.58 -5.17 2.28
C ILE B 178 -16.11 -4.55 3.60
N ASN B 179 -16.29 -3.22 3.61
CA ASN B 179 -16.93 -2.49 4.72
C ASN B 179 -18.22 -1.77 4.27
N SER B 180 -18.67 -2.05 3.03
CA SER B 180 -19.83 -1.39 2.46
C SER B 180 -21.12 -1.88 3.07
N GLU B 181 -22.19 -1.21 2.67
CA GLU B 181 -23.52 -1.76 2.98
C GLU B 181 -23.86 -2.75 1.86
N ASN B 182 -23.66 -4.03 2.13
CA ASN B 182 -24.03 -5.11 1.20
C ASN B 182 -23.48 -4.98 -0.22
N GLY B 183 -22.28 -4.45 -0.33
CA GLY B 183 -21.60 -4.36 -1.61
C GLY B 183 -21.95 -3.16 -2.47
N MSE B 184 -22.73 -2.22 -1.95
CA MSE B 184 -23.08 -1.05 -2.73
C MSE B 184 -21.98 -0.02 -2.68
O MSE B 184 -21.54 0.41 -1.60
CB MSE B 184 -24.37 -0.41 -2.23
CG MSE B 184 -25.05 0.42 -3.29
SE MSE B 184 -25.67 -0.57 -4.86
CE MSE B 184 -26.41 -1.90 -4.00
N LEU B 185 -21.53 0.43 -3.84
CA LEU B 185 -20.56 1.55 -3.87
C LEU B 185 -21.10 2.80 -3.11
N ASN B 186 -20.17 3.60 -2.57
CA ASN B 186 -20.46 4.84 -1.86
C ASN B 186 -21.24 4.65 -0.56
N THR B 187 -21.08 3.48 0.07
CA THR B 187 -21.71 3.18 1.35
C THR B 187 -20.68 2.64 2.35
N LEU B 188 -21.03 2.78 3.63
CA LEU B 188 -20.21 2.28 4.73
C LEU B 188 -21.15 1.75 5.80
N ARG B 189 -21.00 0.47 6.14
CA ARG B 189 -21.86 -0.13 7.14
C ARG B 189 -21.52 0.38 8.54
N ASN B 190 -22.49 0.25 9.45
CA ASN B 190 -22.26 0.61 10.85
C ASN B 190 -21.70 -0.54 11.70
N GLU B 191 -21.99 -1.75 11.27
CA GLU B 191 -21.69 -2.94 12.05
C GLU B 191 -20.22 -3.26 11.89
N LYS B 192 -19.53 -3.57 12.98
CA LYS B 192 -18.18 -4.12 12.90
C LYS B 192 -18.29 -5.64 13.00
N SER B 193 -17.52 -6.35 12.18
CA SER B 193 -17.60 -7.79 12.06
C SER B 193 -16.34 -8.35 11.43
N GLY B 194 -15.99 -9.60 11.74
CA GLY B 194 -14.94 -10.31 10.98
C GLY B 194 -15.40 -10.73 9.59
N LYS B 195 -16.72 -10.80 9.39
CA LYS B 195 -17.25 -11.24 8.11
C LYS B 195 -17.38 -9.98 7.24
N PRO B 196 -16.67 -9.97 6.10
CA PRO B 196 -16.72 -8.79 5.25
C PRO B 196 -18.09 -8.60 4.63
N SER B 197 -18.37 -7.40 4.17
CA SER B 197 -19.71 -7.11 3.60
C SER B 197 -20.05 -7.98 2.44
N ILE B 198 -19.04 -8.25 1.62
CA ILE B 198 -19.10 -9.23 0.55
C ILE B 198 -17.81 -10.08 0.63
N PRO B 199 -17.82 -11.28 0.05
CA PRO B 199 -16.65 -12.15 0.19
C PRO B 199 -15.44 -11.61 -0.56
N ILE B 200 -14.25 -11.92 -0.04
CA ILE B 200 -13.03 -11.50 -0.68
C ILE B 200 -12.09 -12.70 -0.80
N TYR B 201 -11.53 -12.85 -2.02
CA TYR B 201 -10.63 -13.94 -2.36
C TYR B 201 -9.28 -13.40 -2.72
N PHE B 202 -8.23 -14.01 -2.18
CA PHE B 202 -6.86 -13.76 -2.56
C PHE B 202 -6.36 -15.00 -3.26
N SER B 203 -5.63 -14.86 -4.37
CA SER B 203 -5.19 -15.98 -5.15
C SER B 203 -3.72 -16.37 -4.94
N ASN B 204 -2.99 -15.66 -4.08
CA ASN B 204 -1.55 -15.93 -3.89
C ASN B 204 -1.21 -15.35 -2.52
N GLN B 205 -0.76 -16.20 -1.59
CA GLN B 205 -0.29 -15.76 -0.27
C GLN B 205 1.22 -15.66 -0.17
N ASP B 206 1.93 -15.59 -1.30
CA ASP B 206 3.37 -15.47 -1.26
C ASP B 206 3.79 -14.13 -0.67
N LEU B 207 4.51 -14.18 0.46
CA LEU B 207 5.06 -12.95 1.00
C LEU B 207 6.13 -12.43 0.07
N LEU B 208 6.93 -13.36 -0.46
CA LEU B 208 8.13 -13.04 -1.27
C LEU B 208 8.09 -13.81 -2.58
N TRP B 209 8.72 -13.22 -3.61
CA TRP B 209 8.93 -13.92 -4.86
C TRP B 209 10.18 -13.41 -5.52
N ALA B 210 10.62 -14.14 -6.55
CA ALA B 210 11.89 -13.87 -7.23
C ALA B 210 11.63 -13.30 -8.61
N ASN B 211 12.04 -12.04 -8.83
CA ASN B 211 12.00 -11.37 -10.13
C ASN B 211 13.46 -11.13 -10.54
N PRO B 212 13.74 -10.30 -11.57
CA PRO B 212 15.12 -10.11 -11.99
C PRO B 212 16.05 -9.51 -10.93
N TYR B 213 15.48 -8.82 -9.94
CA TYR B 213 16.29 -8.18 -8.90
C TYR B 213 16.98 -9.20 -8.01
N LYS B 214 18.14 -8.83 -7.47
CA LYS B 214 18.92 -9.74 -6.66
C LYS B 214 18.31 -10.06 -5.28
N LEU B 215 17.40 -9.20 -4.81
CA LEU B 215 16.74 -9.38 -3.51
C LEU B 215 15.29 -9.80 -3.73
N ASN B 216 14.80 -10.71 -2.91
CA ASN B 216 13.42 -11.11 -2.97
C ASN B 216 12.46 -9.91 -2.81
N ARG B 217 11.42 -9.89 -3.62
CA ARG B 217 10.41 -8.85 -3.59
C ARG B 217 9.10 -9.31 -2.94
N PHE B 218 8.34 -8.38 -2.39
CA PHE B 218 7.01 -8.68 -1.87
C PHE B 218 6.09 -9.07 -2.99
N GLY B 219 5.26 -10.07 -2.72
CA GLY B 219 4.18 -10.49 -3.61
C GLY B 219 2.79 -10.31 -3.01
N GLN B 220 1.84 -11.03 -3.61
CA GLN B 220 0.45 -10.85 -3.25
C GLN B 220 0.18 -11.21 -1.78
N GLY B 221 0.97 -12.10 -1.19
CA GLY B 221 0.83 -12.37 0.22
C GLY B 221 1.02 -11.13 1.06
N ALA B 222 2.01 -10.29 0.68
CA ALA B 222 2.26 -9.05 1.36
C ALA B 222 1.03 -8.12 1.21
N PHE B 223 0.53 -7.99 -0.03
CA PHE B 223 -0.71 -7.22 -0.32
C PHE B 223 -1.86 -7.67 0.58
N ARG B 224 -2.07 -8.98 0.66
CA ARG B 224 -3.07 -9.54 1.53
C ARG B 224 -2.90 -9.15 2.99
N LEU B 225 -1.67 -9.25 3.51
CA LEU B 225 -1.41 -8.82 4.88
C LEU B 225 -1.83 -7.35 5.11
N LEU B 226 -1.63 -6.51 4.11
CA LEU B 226 -1.98 -5.09 4.22
C LEU B 226 -3.47 -4.89 4.25
N VAL B 227 -4.20 -5.54 3.34
CA VAL B 227 -5.64 -5.46 3.37
C VAL B 227 -6.19 -5.93 4.73
N ARG B 228 -5.66 -7.03 5.19
CA ARG B 228 -6.08 -7.61 6.46
C ARG B 228 -5.81 -6.67 7.63
N ARG B 229 -4.66 -5.98 7.59
CA ARG B 229 -4.28 -5.15 8.70
C ARG B 229 -5.28 -4.00 8.83
N LEU B 230 -5.67 -3.40 7.70
CA LEU B 230 -6.61 -2.27 7.79
C LEU B 230 -8.03 -2.74 8.09
N TYR B 231 -8.37 -3.94 7.66
CA TYR B 231 -9.68 -4.48 8.03
C TYR B 231 -9.78 -4.67 9.54
N LEU B 232 -8.72 -5.24 10.11
CA LEU B 232 -8.65 -5.42 11.56
C LEU B 232 -8.75 -4.07 12.25
N GLU B 233 -8.05 -3.08 11.73
CA GLU B 233 -8.09 -1.79 12.36
C GLU B 233 -9.50 -1.20 12.41
N LEU B 234 -10.23 -1.31 11.33
CA LEU B 234 -11.57 -0.75 11.31
C LEU B 234 -12.61 -1.55 12.10
N ASN B 235 -12.45 -2.86 12.19
CA ASN B 235 -13.49 -3.77 12.70
C ASN B 235 -13.21 -4.38 14.06
N GLY B 236 -11.94 -4.41 14.44
CA GLY B 236 -11.48 -5.05 15.69
C GLY B 236 -11.65 -6.57 15.67
N GLU B 237 -11.87 -7.13 14.47
CA GLU B 237 -11.95 -8.57 14.23
C GLU B 237 -11.12 -8.89 12.98
N PRO B 238 -10.47 -10.06 12.96
CA PRO B 238 -9.71 -10.43 11.76
C PRO B 238 -10.61 -10.75 10.57
N LEU B 239 -10.09 -10.46 9.38
CA LEU B 239 -10.83 -10.65 8.15
C LEU B 239 -11.07 -12.13 7.88
N GLN B 240 -12.31 -12.45 7.61
CA GLN B 240 -12.67 -13.78 7.10
C GLN B 240 -12.63 -13.81 5.60
N ASP B 241 -11.43 -14.00 5.06
CA ASP B 241 -11.20 -14.06 3.63
C ASP B 241 -11.15 -15.50 3.13
N TYR B 242 -11.13 -15.62 1.81
CA TYR B 242 -10.84 -16.88 1.15
C TYR B 242 -9.45 -16.77 0.52
N THR B 243 -8.73 -17.88 0.51
CA THR B 243 -7.38 -17.93 0.00
C THR B 243 -7.19 -19.09 -0.93
N LEU B 244 -6.65 -18.84 -2.10
CA LEU B 244 -6.20 -19.89 -2.96
C LEU B 244 -4.78 -19.64 -3.44
N GLY B 245 -4.32 -20.44 -4.38
CA GLY B 245 -2.90 -20.42 -4.76
C GLY B 245 -2.12 -21.45 -3.96
N LYS B 246 -0.93 -21.81 -4.43
CA LYS B 246 -0.04 -22.63 -3.59
C LYS B 246 0.15 -21.87 -2.26
N PRO B 247 0.19 -22.56 -1.12
CA PRO B 247 0.20 -24.01 -0.91
C PRO B 247 -1.17 -24.67 -0.71
N THR B 248 -2.26 -23.95 -1.01
CA THR B 248 -3.58 -24.45 -0.66
C THR B 248 -3.97 -25.74 -1.35
N LYS B 249 -4.69 -26.57 -0.61
CA LYS B 249 -5.23 -27.82 -1.16
C LYS B 249 -6.09 -27.54 -2.36
N LEU B 250 -6.87 -26.45 -2.31
CA LEU B 250 -7.73 -26.13 -3.44
C LEU B 250 -6.93 -26.04 -4.73
N THR B 251 -5.82 -25.30 -4.70
CA THR B 251 -5.00 -25.14 -5.89
C THR B 251 -4.34 -26.45 -6.33
N TYR B 252 -3.89 -27.27 -5.37
CA TYR B 252 -3.27 -28.56 -5.75
C TYR B 252 -4.29 -29.53 -6.34
N ASP B 253 -5.52 -29.54 -5.80
CA ASP B 253 -6.55 -30.38 -6.37
C ASP B 253 -6.85 -29.93 -7.81
N PHE B 254 -6.92 -28.61 -8.01
CA PHE B 254 -7.16 -28.04 -9.34
C PHE B 254 -6.05 -28.44 -10.32
N ALA B 255 -4.80 -28.29 -9.88
CA ALA B 255 -3.61 -28.66 -10.66
C ALA B 255 -3.64 -30.15 -10.96
N HIS B 256 -4.01 -30.95 -9.97
CA HIS B 256 -4.03 -32.40 -10.15
C HIS B 256 -5.03 -32.75 -11.27
N HIS B 257 -6.20 -32.12 -11.25
CA HIS B 257 -7.17 -32.36 -12.32
C HIS B 257 -6.69 -31.90 -13.70
N VAL B 258 -6.06 -30.73 -13.77
CA VAL B 258 -5.45 -30.25 -15.04
C VAL B 258 -4.42 -31.26 -15.55
N LEU B 259 -3.57 -31.78 -14.64
CA LEU B 259 -2.56 -32.79 -15.00
C LEU B 259 -3.13 -34.10 -15.51
N ILE B 260 -4.15 -34.62 -14.81
CA ILE B 260 -4.87 -35.80 -15.25
C ILE B 260 -5.47 -35.61 -16.65
N ASP B 261 -6.13 -34.47 -16.88
CA ASP B 261 -6.74 -34.20 -18.18
C ASP B 261 -5.67 -34.06 -19.26
N TRP B 262 -4.54 -33.46 -18.90
CA TRP B 262 -3.41 -33.33 -19.83
C TRP B 262 -2.81 -34.71 -20.19
N GLU B 263 -2.62 -35.53 -19.21
CA GLU B 263 -2.15 -36.87 -19.41
C GLU B 263 -3.07 -37.69 -20.32
N LYS B 264 -4.38 -37.53 -20.17
CA LYS B 264 -5.37 -38.16 -21.05
C LYS B 264 -5.29 -37.61 -22.46
N ARG B 265 -5.07 -36.31 -22.58
CA ARG B 265 -4.98 -35.69 -23.89
C ARG B 265 -3.67 -36.07 -24.59
N LEU B 266 -2.68 -36.46 -23.83
CA LEU B 266 -1.47 -36.94 -24.44
C LEU B 266 -1.77 -38.33 -24.95
N SER B 267 -2.57 -39.08 -24.23
CA SER B 267 -2.98 -40.37 -24.71
C SER B 267 -4.17 -40.23 -25.65
N PRO B 289 -2.84 -41.51 -11.56
CA PRO B 289 -2.27 -42.29 -12.66
C PRO B 289 -0.74 -42.35 -12.61
N PHE B 290 -0.10 -41.40 -11.93
CA PHE B 290 1.36 -41.39 -11.78
C PHE B 290 1.79 -42.02 -10.49
N HIS B 291 2.96 -42.64 -10.50
CA HIS B 291 3.59 -43.16 -9.30
C HIS B 291 4.07 -42.00 -8.41
N ALA B 292 4.49 -40.90 -9.04
CA ALA B 292 5.00 -39.75 -8.33
C ALA B 292 4.82 -38.49 -9.16
N VAL B 293 4.53 -37.39 -8.48
CA VAL B 293 4.54 -36.05 -9.08
C VAL B 293 5.60 -35.26 -8.33
N PHE B 294 6.50 -34.62 -9.09
CA PHE B 294 7.52 -33.79 -8.51
C PHE B 294 7.22 -32.32 -8.77
N MSE B 295 6.97 -31.59 -7.68
CA MSE B 295 6.84 -30.13 -7.71
C MSE B 295 8.24 -29.55 -7.74
O MSE B 295 9.04 -29.84 -6.84
CB MSE B 295 6.14 -29.66 -6.42
CG MSE B 295 5.94 -28.15 -6.30
SE MSE B 295 4.43 -27.51 -7.33
CE MSE B 295 5.22 -25.95 -8.12
N VAL B 296 8.55 -28.71 -8.72
CA VAL B 296 9.84 -28.04 -8.77
C VAL B 296 9.63 -26.56 -8.45
N GLY B 297 10.17 -26.10 -7.32
CA GLY B 297 9.91 -24.76 -6.82
C GLY B 297 11.10 -24.08 -6.19
N ASP B 298 11.00 -22.77 -6.02
CA ASP B 298 12.02 -22.00 -5.34
C ASP B 298 11.58 -21.49 -3.98
N ASN B 299 10.32 -21.69 -3.61
CA ASN B 299 9.81 -21.11 -2.36
C ASN B 299 9.29 -22.18 -1.41
N PRO B 300 10.02 -22.44 -0.34
CA PRO B 300 9.54 -23.41 0.63
C PRO B 300 8.10 -23.16 1.09
N ALA B 301 7.74 -21.89 1.29
CA ALA B 301 6.46 -21.55 1.88
C ALA B 301 5.26 -21.70 0.95
N SER B 302 5.49 -21.89 -0.33
CA SER B 302 4.39 -22.09 -1.28
C SER B 302 4.55 -23.43 -1.99
N ASP B 303 5.59 -23.55 -2.80
CA ASP B 303 5.84 -24.72 -3.60
C ASP B 303 6.06 -25.99 -2.78
N ILE B 304 6.95 -25.92 -1.78
CA ILE B 304 7.41 -27.14 -1.13
C ILE B 304 6.38 -27.60 -0.09
N ILE B 305 5.95 -26.70 0.75
CA ILE B 305 4.87 -27.03 1.69
C ILE B 305 3.60 -27.47 0.98
N GLY B 306 3.30 -26.82 -0.11
CA GLY B 306 2.12 -27.16 -0.93
C GLY B 306 2.18 -28.59 -1.42
N ALA B 307 3.32 -28.95 -1.99
CA ALA B 307 3.49 -30.31 -2.50
C ALA B 307 3.47 -31.31 -1.37
N GLN B 308 4.25 -31.02 -0.33
CA GLN B 308 4.36 -31.91 0.82
C GLN B 308 2.98 -32.19 1.46
N ASN B 309 2.19 -31.13 1.68
CA ASN B 309 0.84 -31.28 2.27
C ASN B 309 -0.06 -32.13 1.39
N TYR B 310 0.08 -31.98 0.07
CA TYR B 310 -0.75 -32.67 -0.90
C TYR B 310 -0.32 -34.12 -1.17
N GLY B 311 0.86 -34.51 -0.69
CA GLY B 311 1.41 -35.83 -0.97
C GLY B 311 2.25 -35.97 -2.22
N TRP B 312 2.63 -34.83 -2.80
CA TRP B 312 3.56 -34.81 -3.93
C TRP B 312 5.01 -34.71 -3.44
N ASN B 313 5.91 -35.19 -4.28
CA ASN B 313 7.33 -35.03 -4.06
C ASN B 313 7.73 -33.62 -4.51
N SER B 314 8.96 -33.25 -4.19
CA SER B 314 9.42 -31.91 -4.48
C SER B 314 10.92 -31.76 -4.67
N CYS B 315 11.27 -30.80 -5.53
CA CYS B 315 12.66 -30.42 -5.76
CA CYS B 315 12.66 -30.42 -5.76
C CYS B 315 12.79 -28.91 -5.58
N LEU B 316 13.51 -28.51 -4.53
CA LEU B 316 13.74 -27.11 -4.19
C LEU B 316 15.00 -26.66 -4.90
N VAL B 317 14.85 -25.63 -5.74
CA VAL B 317 15.98 -25.04 -6.46
C VAL B 317 16.51 -23.80 -5.73
N LYS B 318 17.68 -23.33 -6.13
CA LYS B 318 18.34 -22.20 -5.46
C LYS B 318 18.38 -20.91 -6.27
N THR B 319 17.68 -20.92 -7.41
CA THR B 319 17.66 -19.81 -8.37
C THR B 319 16.59 -18.74 -8.10
N GLY B 320 15.87 -18.88 -6.98
CA GLY B 320 14.85 -17.93 -6.57
C GLY B 320 14.87 -17.53 -5.11
N VAL B 321 13.70 -17.61 -4.50
CA VAL B 321 13.51 -17.15 -3.10
C VAL B 321 14.46 -17.80 -2.08
N TYR B 322 14.59 -19.12 -2.17
CA TYR B 322 15.44 -19.90 -1.27
C TYR B 322 16.91 -19.78 -1.60
N ASN B 323 17.70 -19.56 -0.55
CA ASN B 323 19.16 -19.69 -0.62
C ASN B 323 19.54 -20.79 0.36
N GLU B 324 20.49 -21.63 -0.02
CA GLU B 324 21.00 -22.66 0.88
C GLU B 324 21.45 -22.03 2.18
N GLY B 325 21.04 -22.63 3.29
CA GLY B 325 21.28 -22.05 4.62
C GLY B 325 20.02 -21.46 5.21
N ASP B 326 19.03 -21.12 4.39
CA ASP B 326 17.78 -20.55 4.87
C ASP B 326 17.02 -21.58 5.69
N ASP B 327 16.26 -21.09 6.66
CA ASP B 327 15.50 -21.94 7.56
C ASP B 327 14.45 -22.67 6.73
N LEU B 328 14.51 -23.99 6.74
CA LEU B 328 13.51 -24.75 6.03
C LEU B 328 12.29 -25.01 6.88
N LYS B 329 12.38 -24.67 8.15
CA LYS B 329 11.32 -24.91 9.10
C LYS B 329 10.99 -26.39 8.98
N GLU B 330 9.77 -26.71 8.72
CA GLU B 330 9.45 -28.12 8.65
C GLU B 330 9.11 -28.63 7.28
N CYS B 331 9.44 -27.91 6.24
CA CYS B 331 9.27 -28.55 4.96
C CYS B 331 10.49 -29.40 4.69
N LYS B 332 10.29 -30.50 4.00
CA LYS B 332 11.35 -31.42 3.71
C LYS B 332 11.35 -31.74 2.24
N PRO B 333 12.05 -30.94 1.47
CA PRO B 333 12.05 -31.22 0.05
C PRO B 333 12.64 -32.61 -0.26
N THR B 334 12.11 -33.28 -1.27
CA THR B 334 12.70 -34.58 -1.68
C THR B 334 14.17 -34.44 -2.09
N LEU B 335 14.42 -33.40 -2.90
CA LEU B 335 15.77 -33.03 -3.34
C LEU B 335 15.93 -31.53 -3.24
N ILE B 336 17.16 -31.12 -2.94
CA ILE B 336 17.53 -29.71 -2.99
C ILE B 336 18.64 -29.62 -4.03
N VAL B 337 18.49 -28.76 -5.03
CA VAL B 337 19.37 -28.74 -6.21
C VAL B 337 19.64 -27.29 -6.64
N ASN B 338 20.63 -27.10 -7.51
CA ASN B 338 20.98 -25.74 -7.89
C ASN B 338 19.90 -25.09 -8.77
N ASP B 339 19.52 -25.76 -9.84
CA ASP B 339 18.60 -25.18 -10.83
C ASP B 339 17.67 -26.20 -11.41
N VAL B 340 16.73 -25.70 -12.22
CA VAL B 340 15.69 -26.55 -12.78
C VAL B 340 16.22 -27.73 -13.61
N PHE B 341 17.34 -27.53 -14.30
CA PHE B 341 17.86 -28.63 -15.09
C PHE B 341 18.40 -29.70 -14.16
N ASP B 342 18.99 -29.29 -13.05
CA ASP B 342 19.41 -30.23 -11.99
C ASP B 342 18.22 -30.96 -11.39
N ALA B 343 17.13 -30.23 -11.20
CA ALA B 343 15.92 -30.80 -10.61
C ALA B 343 15.44 -31.97 -11.50
N VAL B 344 15.33 -31.73 -12.80
CA VAL B 344 14.83 -32.76 -13.71
C VAL B 344 15.83 -33.91 -13.81
N THR B 345 17.10 -33.59 -14.04
CA THR B 345 18.08 -34.66 -14.27
C THR B 345 18.31 -35.52 -13.01
N LYS B 346 18.43 -34.88 -11.86
CA LYS B 346 18.64 -35.64 -10.60
C LYS B 346 17.38 -36.42 -10.21
N THR B 347 16.20 -35.87 -10.52
CA THR B 347 14.97 -36.57 -10.16
C THR B 347 14.82 -37.78 -11.05
N LEU B 348 15.03 -37.62 -12.35
CA LEU B 348 14.90 -38.75 -13.27
C LEU B 348 15.89 -39.88 -12.95
N GLU B 349 17.14 -39.52 -12.67
CA GLU B 349 18.19 -40.51 -12.39
C GLU B 349 17.82 -41.31 -11.18
N LYS B 350 17.34 -40.66 -10.15
CA LYS B 350 17.05 -41.26 -8.87
C LYS B 350 15.66 -41.94 -8.78
N TYR B 351 14.68 -41.43 -9.47
CA TYR B 351 13.28 -41.86 -9.26
C TYR B 351 12.51 -42.39 -10.49
N ALA B 352 13.03 -42.22 -11.70
CA ALA B 352 12.35 -42.66 -12.92
C ALA B 352 13.18 -43.72 -13.62
P PO4 C . -5.65 17.58 8.68
O1 PO4 C . -4.70 17.41 9.88
O2 PO4 C . -7.05 17.07 8.90
O3 PO4 C . -5.66 19.04 8.26
O4 PO4 C . -5.01 16.77 7.52
P PO4 D . 0.88 -1.74 15.11
O1 PO4 D . 2.09 -2.28 15.96
O2 PO4 D . 0.14 -0.61 15.85
O3 PO4 D . 1.46 -1.11 13.92
O4 PO4 D . -0.06 -2.94 14.84
MG MG E . -8.82 17.15 9.73
MG MG F . 8.59 -19.16 -7.55
P PO4 G . 5.59 -18.33 -8.81
O1 PO4 G . 6.96 -18.34 -8.14
O2 PO4 G . 4.51 -19.15 -8.12
O3 PO4 G . 5.65 -18.86 -10.28
O4 PO4 G . 5.07 -16.89 -8.86
P PO4 H . -2.69 -11.78 9.71
O1 PO4 H . -1.66 -11.08 10.56
O2 PO4 H . -4.00 -11.93 10.52
O3 PO4 H . -3.03 -11.06 8.49
O4 PO4 H . -2.16 -13.16 9.30
MG MG I . 0.98 5.80 -12.39
#